data_5XZO
#
_entry.id   5XZO
#
_cell.length_a   135.457
_cell.length_b   83.262
_cell.length_c   65.279
_cell.angle_alpha   90.00
_cell.angle_beta   94.49
_cell.angle_gamma   90.00
#
_symmetry.space_group_name_H-M   'C 1 2 1'
#
loop_
_entity.id
_entity.type
_entity.pdbx_description
1 polymer Beta-xylanase
2 non-polymer 2-acetamido-2-deoxy-beta-D-glucopyranose
3 water water
#
_entity_poly.entity_id   1
_entity_poly.type   'polypeptide(L)'
_entity_poly.pdbx_seq_one_letter_code
;WGLNNAARADGKLWFGTAADIPGLEQDDRYYMKEYNNTHDFGGTTPANIMKFMFTEPEQNVFNFTGAQEFLDIAFASHKL
VRCHNLIWQSELPTWVTNPTTNWTNETLSKVLQNHVYTLVSHFGDQCYSWDVVNEALSDDPAGSYQNNIWFDTIGPEYVA
MAFEYAEKAVKDHKLNVKLYYNDYNIEYPGPKSTAAQNIVKELKARNIQIDGVGLESHFIAGETPSQATQITNMADFTSL
DIDVAVTELDVRLYLPPNATSEAQQVADYYATVAACAATERCIGITVWDFDDTYSWVPSTFAGQGYADLFFQPDGPNTPL
VKKAAYDGCLQALQH
;
_entity_poly.pdbx_strand_id   A,B
#
# COMPACT_ATOMS: atom_id res chain seq x y z
N TRP A 1 -4.95 8.20 -1.67
CA TRP A 1 -3.85 9.02 -2.18
C TRP A 1 -2.59 8.75 -1.37
N GLY A 2 -1.55 8.25 -2.03
CA GLY A 2 -0.35 7.87 -1.32
C GLY A 2 0.91 8.53 -1.86
N LEU A 3 2.07 8.01 -1.42
CA LEU A 3 3.34 8.65 -1.73
C LEU A 3 3.63 8.65 -3.22
N ASN A 4 3.29 7.56 -3.92
CA ASN A 4 3.59 7.48 -5.35
C ASN A 4 2.67 8.39 -6.15
N ASN A 5 1.38 8.43 -5.79
CA ASN A 5 0.49 9.41 -6.43
C ASN A 5 1.01 10.83 -6.22
N ALA A 6 1.44 11.13 -4.99
CA ALA A 6 1.92 12.47 -4.69
C ALA A 6 3.24 12.75 -5.43
N ALA A 7 4.13 11.77 -5.50
CA ALA A 7 5.40 12.01 -6.20
C ALA A 7 5.16 12.22 -7.69
N ARG A 8 4.30 11.41 -8.29
CA ARG A 8 4.06 11.55 -9.73
C ARG A 8 3.32 12.85 -10.03
N ALA A 9 2.48 13.31 -9.11
CA ALA A 9 1.83 14.61 -9.27
C ALA A 9 2.85 15.75 -9.26
N ASP A 10 3.96 15.56 -8.56
CA ASP A 10 5.07 16.51 -8.52
C ASP A 10 6.05 16.34 -9.69
N GLY A 11 5.75 15.47 -10.65
CA GLY A 11 6.61 15.27 -11.79
C GLY A 11 7.66 14.20 -11.61
N LYS A 12 7.67 13.50 -10.48
CA LYS A 12 8.64 12.44 -10.28
C LYS A 12 8.20 11.18 -11.01
N LEU A 13 9.16 10.29 -11.26
CA LEU A 13 8.82 9.01 -11.89
C LEU A 13 8.22 8.01 -10.90
N TRP A 14 8.53 8.13 -9.60
CA TRP A 14 8.01 7.19 -8.62
C TRP A 14 8.26 7.72 -7.21
N PHE A 15 7.48 7.20 -6.27
CA PHE A 15 7.95 6.90 -4.92
C PHE A 15 8.13 5.40 -4.89
N GLY A 16 9.29 4.93 -4.39
CA GLY A 16 9.66 3.55 -4.55
C GLY A 16 10.10 2.92 -3.23
N THR A 17 10.22 1.59 -3.27
CA THR A 17 10.80 0.88 -2.13
C THR A 17 11.63 -0.29 -2.62
N ALA A 18 12.78 -0.52 -1.97
CA ALA A 18 13.47 -1.80 -2.11
C ALA A 18 12.65 -2.89 -1.46
N ALA A 19 12.88 -4.12 -1.91
CA ALA A 19 12.28 -5.28 -1.27
C ALA A 19 13.24 -6.44 -1.39
N ASP A 20 13.31 -7.23 -0.33
CA ASP A 20 14.16 -8.42 -0.28
C ASP A 20 13.38 -9.61 -0.85
N ILE A 21 13.10 -9.50 -2.15
CA ILE A 21 12.29 -10.45 -2.89
C ILE A 21 13.15 -11.01 -4.01
N PRO A 22 13.19 -12.34 -4.21
CA PRO A 22 12.42 -13.34 -3.49
C PRO A 22 12.94 -13.54 -2.07
N GLY A 23 12.05 -13.90 -1.16
CA GLY A 23 12.42 -14.05 0.23
C GLY A 23 11.19 -14.13 1.10
N LEU A 24 11.44 -14.13 2.42
CA LEU A 24 10.37 -14.34 3.38
C LEU A 24 9.28 -13.27 3.31
N GLU A 25 9.61 -12.07 2.80
CA GLU A 25 8.59 -11.04 2.68
C GLU A 25 7.39 -11.54 1.87
N GLN A 26 7.62 -12.45 0.92
CA GLN A 26 6.54 -12.96 0.09
C GLN A 26 5.55 -13.81 0.89
N ASP A 27 5.96 -14.31 2.05
CA ASP A 27 5.07 -15.07 2.92
C ASP A 27 4.31 -14.19 3.89
N ASP A 28 4.53 -12.87 3.86
CA ASP A 28 3.90 -11.92 4.77
C ASP A 28 2.84 -11.17 3.97
N ARG A 29 1.58 -11.53 4.17
CA ARG A 29 0.53 -10.95 3.34
C ARG A 29 0.25 -9.50 3.72
N TYR A 30 0.58 -9.09 4.93
CA TYR A 30 0.40 -7.69 5.31
C TYR A 30 1.48 -6.84 4.66
N TYR A 31 2.71 -7.33 4.67
CA TYR A 31 3.77 -6.70 3.89
C TYR A 31 3.40 -6.62 2.42
N MET A 32 3.05 -7.76 1.82
CA MET A 32 2.86 -7.79 0.37
C MET A 32 1.69 -6.91 -0.07
N LYS A 33 0.64 -6.79 0.75
CA LYS A 33 -0.47 -5.92 0.35
C LYS A 33 0.02 -4.49 0.18
N GLU A 34 0.88 -4.02 1.08
CA GLU A 34 1.40 -2.67 0.99
C GLU A 34 2.49 -2.53 -0.07
N TYR A 35 3.32 -3.57 -0.27
CA TYR A 35 4.28 -3.54 -1.36
C TYR A 35 3.56 -3.38 -2.69
N ASN A 36 2.41 -4.05 -2.83
CA ASN A 36 1.66 -4.06 -4.08
C ASN A 36 0.81 -2.80 -4.27
N ASN A 37 0.80 -1.91 -3.27
CA ASN A 37 -0.05 -0.73 -3.25
C ASN A 37 0.58 0.35 -4.12
N THR A 38 0.11 0.47 -5.37
CA THR A 38 0.69 1.44 -6.29
C THR A 38 0.43 2.88 -5.85
N HIS A 39 -0.53 3.11 -4.97
CA HIS A 39 -0.70 4.46 -4.44
C HIS A 39 0.56 4.90 -3.72
N ASP A 40 1.26 3.97 -3.09
CA ASP A 40 2.46 4.31 -2.36
C ASP A 40 3.74 4.01 -3.12
N PHE A 41 3.78 2.94 -3.92
CA PHE A 41 5.02 2.47 -4.52
C PHE A 41 4.84 2.20 -6.01
N GLY A 42 5.35 3.12 -6.81
CA GLY A 42 5.42 2.95 -8.25
C GLY A 42 6.81 2.62 -8.74
N GLY A 43 7.75 2.33 -7.84
CA GLY A 43 9.09 1.94 -8.21
C GLY A 43 9.61 0.98 -7.17
N THR A 44 10.64 0.21 -7.56
CA THR A 44 11.22 -0.75 -6.63
C THR A 44 12.64 -1.06 -7.06
N THR A 45 13.43 -1.57 -6.11
CA THR A 45 14.82 -1.97 -6.27
C THR A 45 14.95 -3.34 -5.61
N PRO A 46 15.58 -4.33 -6.25
CA PRO A 46 15.82 -5.61 -5.57
C PRO A 46 16.90 -5.43 -4.53
N ALA A 47 16.62 -5.84 -3.29
CA ALA A 47 17.59 -5.61 -2.23
C ALA A 47 18.82 -6.50 -2.38
N ASN A 48 18.70 -7.64 -3.07
CA ASN A 48 19.81 -8.60 -3.12
C ASN A 48 19.94 -9.40 -4.39
N ILE A 49 18.81 -9.83 -4.99
CA ILE A 49 18.83 -10.93 -5.95
C ILE A 49 19.49 -10.58 -7.28
N MET A 50 19.71 -9.30 -7.57
CA MET A 50 20.39 -8.93 -8.82
C MET A 50 21.86 -8.62 -8.63
N LYS A 51 22.38 -8.79 -7.42
CA LYS A 51 23.79 -8.53 -7.16
C LYS A 51 24.68 -9.62 -7.78
N PHE A 52 25.98 -9.31 -7.80
CA PHE A 52 26.94 -10.13 -8.52
C PHE A 52 26.93 -11.57 -8.04
N MET A 53 26.88 -11.78 -6.72
CA MET A 53 26.98 -13.15 -6.19
C MET A 53 25.80 -14.02 -6.59
N PHE A 54 24.61 -13.43 -6.76
CA PHE A 54 23.44 -14.22 -7.13
C PHE A 54 23.28 -14.39 -8.64
N THR A 55 23.79 -13.44 -9.44
CA THR A 55 23.61 -13.50 -10.88
C THR A 55 24.76 -14.17 -11.60
N GLU A 56 25.96 -14.21 -11.00
CA GLU A 56 27.10 -14.97 -11.54
C GLU A 56 27.73 -15.76 -10.41
N PRO A 57 27.03 -16.80 -9.90
CA PRO A 57 27.54 -17.52 -8.72
C PRO A 57 28.82 -18.29 -8.97
N GLU A 58 29.10 -18.68 -10.21
CA GLU A 58 30.39 -19.22 -10.61
C GLU A 58 30.83 -18.46 -11.85
N GLN A 59 32.13 -18.44 -12.12
CA GLN A 59 32.64 -17.65 -13.24
C GLN A 59 31.98 -18.12 -14.54
N ASN A 60 31.43 -17.16 -15.27
CA ASN A 60 30.79 -17.39 -16.56
C ASN A 60 29.51 -18.21 -16.46
N VAL A 61 29.03 -18.48 -15.24
CA VAL A 61 27.80 -19.23 -15.02
C VAL A 61 26.77 -18.25 -14.49
N PHE A 62 25.88 -17.80 -15.34
CA PHE A 62 24.91 -16.79 -14.95
C PHE A 62 23.60 -17.42 -14.50
N ASN A 63 22.96 -16.78 -13.53
CA ASN A 63 21.70 -17.25 -12.97
C ASN A 63 20.74 -16.08 -12.89
N PHE A 64 19.70 -16.10 -13.74
CA PHE A 64 18.74 -15.01 -13.84
C PHE A 64 17.41 -15.32 -13.19
N THR A 65 17.22 -16.53 -12.62
CA THR A 65 15.88 -16.98 -12.28
C THR A 65 15.27 -16.18 -11.13
N GLY A 66 16.01 -15.98 -10.03
CA GLY A 66 15.46 -15.21 -8.95
C GLY A 66 15.23 -13.75 -9.33
N ALA A 67 16.15 -13.19 -10.11
CA ALA A 67 15.98 -11.82 -10.57
C ALA A 67 14.74 -11.69 -11.45
N GLN A 68 14.51 -12.66 -12.34
CA GLN A 68 13.30 -12.62 -13.16
C GLN A 68 12.04 -12.73 -12.33
N GLU A 69 12.05 -13.52 -11.26
CA GLU A 69 10.91 -13.58 -10.36
C GLU A 69 10.65 -12.21 -9.72
N PHE A 70 11.71 -11.54 -9.26
CA PHE A 70 11.53 -10.17 -8.76
C PHE A 70 10.92 -9.26 -9.82
N LEU A 71 11.46 -9.30 -11.05
CA LEU A 71 10.96 -8.41 -12.10
C LEU A 71 9.51 -8.71 -12.45
N ASP A 72 9.14 -10.00 -12.46
CA ASP A 72 7.76 -10.38 -12.74
C ASP A 72 6.81 -9.82 -11.68
N ILE A 73 7.19 -9.91 -10.41
CA ILE A 73 6.37 -9.34 -9.34
C ILE A 73 6.28 -7.83 -9.47
N ALA A 74 7.40 -7.18 -9.80
CA ALA A 74 7.40 -5.72 -9.94
C ALA A 74 6.52 -5.29 -11.09
N PHE A 75 6.59 -6.02 -12.21
CA PHE A 75 5.79 -5.67 -13.38
C PHE A 75 4.30 -5.80 -13.10
N ALA A 76 3.92 -6.80 -12.31
CA ALA A 76 2.50 -6.98 -11.99
C ALA A 76 1.92 -5.79 -11.25
N SER A 77 2.75 -5.01 -10.55
CA SER A 77 2.36 -3.79 -9.84
C SER A 77 2.68 -2.52 -10.60
N HIS A 78 3.05 -2.61 -11.88
CA HIS A 78 3.38 -1.43 -12.69
C HIS A 78 4.52 -0.61 -12.06
N LYS A 79 5.50 -1.28 -11.45
CA LYS A 79 6.62 -0.60 -10.82
C LYS A 79 7.80 -0.49 -11.78
N LEU A 80 8.34 0.72 -11.94
CA LEU A 80 9.62 0.85 -12.63
C LEU A 80 10.74 0.37 -11.72
N VAL A 81 11.70 -0.35 -12.30
CA VAL A 81 12.72 -1.06 -11.50
C VAL A 81 14.08 -0.39 -11.65
N ARG A 82 14.70 -0.05 -10.52
CA ARG A 82 16.11 0.31 -10.50
C ARG A 82 16.88 -0.99 -10.30
N CYS A 83 17.47 -1.50 -11.36
CA CYS A 83 18.27 -2.72 -11.23
C CYS A 83 19.56 -2.40 -10.50
N HIS A 84 19.96 -3.31 -9.61
CA HIS A 84 20.99 -3.01 -8.62
C HIS A 84 21.65 -4.33 -8.21
N ASN A 85 23.00 -4.43 -8.28
CA ASN A 85 23.95 -3.51 -8.87
C ASN A 85 25.01 -4.38 -9.58
N LEU A 86 25.82 -3.81 -10.46
CA LEU A 86 26.75 -4.62 -11.24
C LEU A 86 28.11 -4.78 -10.55
N ILE A 87 28.83 -3.68 -10.36
CA ILE A 87 30.18 -3.73 -9.83
C ILE A 87 30.22 -3.07 -8.46
N TRP A 88 30.63 -3.84 -7.45
CA TRP A 88 30.60 -3.45 -6.05
C TRP A 88 31.66 -4.25 -5.32
N GLN A 89 32.20 -3.67 -4.24
CA GLN A 89 33.24 -4.38 -3.48
C GLN A 89 32.70 -5.48 -2.59
N SER A 90 31.42 -5.46 -2.22
CA SER A 90 30.88 -6.31 -1.16
C SER A 90 30.04 -7.46 -1.71
N GLU A 91 29.79 -8.43 -0.84
CA GLU A 91 28.92 -9.58 -1.10
C GLU A 91 29.36 -10.31 -2.37
N LEU A 92 30.68 -10.34 -2.65
CA LEU A 92 31.18 -11.00 -3.86
C LEU A 92 31.32 -12.51 -3.62
N PRO A 93 31.14 -13.31 -4.68
CA PRO A 93 31.30 -14.75 -4.54
C PRO A 93 32.75 -15.15 -4.37
N THR A 94 32.95 -16.37 -3.86
CA THR A 94 34.29 -16.82 -3.52
C THR A 94 35.19 -16.92 -4.75
N TRP A 95 34.64 -17.25 -5.92
CA TRP A 95 35.50 -17.35 -7.09
C TRP A 95 36.13 -16.01 -7.46
N VAL A 96 35.55 -14.91 -7.01
CA VAL A 96 36.19 -13.61 -7.20
C VAL A 96 37.13 -13.29 -6.04
N THR A 97 36.67 -13.50 -4.79
CA THR A 97 37.45 -13.10 -3.64
C THR A 97 38.65 -14.02 -3.40
N ASN A 98 38.45 -15.33 -3.55
CA ASN A 98 39.50 -16.30 -3.27
C ASN A 98 39.78 -17.16 -4.51
N PRO A 99 40.35 -16.57 -5.56
CA PRO A 99 40.68 -17.36 -6.75
C PRO A 99 41.89 -18.23 -6.50
N THR A 100 41.95 -19.36 -7.21
CA THR A 100 43.13 -20.21 -7.10
C THR A 100 44.35 -19.58 -7.77
N THR A 101 44.14 -18.77 -8.80
CA THR A 101 45.21 -18.04 -9.46
C THR A 101 44.91 -16.56 -9.42
N ASN A 102 45.90 -15.76 -9.03
CA ASN A 102 45.73 -14.32 -8.86
C ASN A 102 45.15 -13.68 -10.13
N TRP A 103 44.21 -12.76 -9.93
CA TRP A 103 43.74 -11.96 -11.06
C TRP A 103 44.87 -11.08 -11.57
N THR A 104 44.81 -10.76 -12.86
CA THR A 104 45.61 -9.72 -13.47
C THR A 104 44.67 -8.61 -13.95
N ASN A 105 45.24 -7.45 -14.27
CA ASN A 105 44.45 -6.39 -14.88
C ASN A 105 43.67 -6.93 -16.06
N GLU A 106 44.32 -7.73 -16.91
CA GLU A 106 43.65 -8.27 -18.09
C GLU A 106 42.51 -9.20 -17.72
N THR A 107 42.74 -10.14 -16.81
CA THR A 107 41.72 -11.16 -16.59
C THR A 107 40.56 -10.65 -15.73
N LEU A 108 40.82 -9.80 -14.74
CA LEU A 108 39.69 -9.23 -13.98
C LEU A 108 38.96 -8.19 -14.81
N SER A 109 39.66 -7.48 -15.69
CA SER A 109 38.97 -6.57 -16.59
C SER A 109 37.94 -7.31 -17.43
N LYS A 110 38.32 -8.46 -17.99
CA LYS A 110 37.37 -9.24 -18.79
C LYS A 110 36.25 -9.80 -17.94
N VAL A 111 36.54 -10.17 -16.68
CA VAL A 111 35.47 -10.59 -15.77
C VAL A 111 34.45 -9.48 -15.60
N LEU A 112 34.95 -8.26 -15.34
CA LEU A 112 34.09 -7.10 -15.17
C LEU A 112 33.29 -6.82 -16.44
N GLN A 113 33.96 -6.82 -17.59
CA GLN A 113 33.26 -6.53 -18.84
C GLN A 113 32.18 -7.56 -19.11
N ASN A 114 32.48 -8.84 -18.88
CA ASN A 114 31.50 -9.87 -19.17
C ASN A 114 30.28 -9.76 -18.25
N HIS A 115 30.52 -9.53 -16.96
CA HIS A 115 29.40 -9.44 -16.02
C HIS A 115 28.50 -8.27 -16.37
N VAL A 116 29.10 -7.10 -16.59
CA VAL A 116 28.33 -5.92 -16.94
C VAL A 116 27.57 -6.13 -18.24
N TYR A 117 28.28 -6.58 -19.29
CA TYR A 117 27.65 -6.67 -20.61
C TYR A 117 26.52 -7.68 -20.61
N THR A 118 26.75 -8.83 -19.97
CA THR A 118 25.73 -9.88 -19.94
C THR A 118 24.49 -9.45 -19.17
N LEU A 119 24.67 -8.83 -17.99
CA LEU A 119 23.50 -8.51 -17.20
C LEU A 119 22.66 -7.43 -17.86
N VAL A 120 23.32 -6.41 -18.39
CA VAL A 120 22.60 -5.31 -19.01
C VAL A 120 21.90 -5.79 -20.27
N SER A 121 22.61 -6.59 -21.09
CA SER A 121 22.02 -7.12 -22.31
C SER A 121 20.88 -8.08 -22.01
N HIS A 122 21.05 -8.96 -21.02
CA HIS A 122 20.02 -9.95 -20.78
C HIS A 122 18.71 -9.33 -20.32
N PHE A 123 18.76 -8.41 -19.35
CA PHE A 123 17.51 -7.91 -18.78
C PHE A 123 16.91 -6.76 -19.58
N GLY A 124 17.72 -6.12 -20.44
CA GLY A 124 17.19 -5.11 -21.34
C GLY A 124 16.39 -4.05 -20.62
N ASP A 125 15.27 -3.68 -21.23
CA ASP A 125 14.46 -2.60 -20.70
C ASP A 125 13.49 -3.04 -19.62
N GLN A 126 13.62 -4.27 -19.10
CA GLN A 126 12.96 -4.57 -17.85
C GLN A 126 13.48 -3.68 -16.73
N CYS A 127 14.70 -3.17 -16.87
CA CYS A 127 15.29 -2.21 -15.95
C CYS A 127 15.06 -0.79 -16.45
N TYR A 128 14.55 0.07 -15.57
CA TYR A 128 14.58 1.51 -15.87
C TYR A 128 16.02 2.03 -15.86
N SER A 129 16.82 1.56 -14.91
CA SER A 129 18.21 1.96 -14.75
C SER A 129 18.99 0.79 -14.18
N TRP A 130 20.31 0.88 -14.31
CA TRP A 130 21.24 0.04 -13.57
C TRP A 130 22.13 0.90 -12.69
N ASP A 131 22.37 0.43 -11.45
CA ASP A 131 23.48 0.95 -10.65
C ASP A 131 24.72 0.19 -11.13
N VAL A 132 25.44 0.83 -12.06
CA VAL A 132 26.52 0.16 -12.77
C VAL A 132 27.72 -0.02 -11.86
N VAL A 133 28.11 1.05 -11.16
CA VAL A 133 29.14 0.97 -10.14
C VAL A 133 28.53 1.45 -8.83
N ASN A 134 28.80 0.73 -7.75
CA ASN A 134 28.25 0.99 -6.42
C ASN A 134 29.41 1.29 -5.47
N GLU A 135 29.43 2.49 -4.90
CA GLU A 135 30.29 2.79 -3.75
C GLU A 135 31.79 2.61 -4.08
N ALA A 136 32.23 3.28 -5.14
CA ALA A 136 33.64 3.24 -5.56
C ALA A 136 34.51 4.17 -4.74
N LEU A 137 33.92 5.05 -3.96
CA LEU A 137 34.69 6.10 -3.28
C LEU A 137 34.91 5.75 -1.81
N SER A 138 36.07 6.17 -1.30
CA SER A 138 36.45 5.92 0.07
C SER A 138 35.86 6.96 1.01
N ASP A 139 35.76 6.60 2.29
CA ASP A 139 35.43 7.57 3.34
C ASP A 139 36.66 8.16 4.03
N ASP A 140 37.86 7.66 3.72
CA ASP A 140 39.08 8.03 4.45
C ASP A 140 40.31 7.68 3.62
N PRO A 141 40.94 8.65 2.93
CA PRO A 141 40.53 10.06 2.81
C PRO A 141 39.25 10.17 1.98
N ALA A 142 38.33 11.06 2.38
CA ALA A 142 37.00 11.09 1.78
C ALA A 142 37.05 11.15 0.25
N GLY A 143 37.95 11.94 -0.32
CA GLY A 143 37.95 12.10 -1.77
C GLY A 143 38.31 10.84 -2.54
N SER A 144 39.13 9.97 -1.97
CA SER A 144 39.86 9.02 -2.79
C SER A 144 39.00 7.82 -3.21
N TYR A 145 39.56 7.03 -4.11
CA TYR A 145 38.93 5.77 -4.50
C TYR A 145 39.09 4.74 -3.39
N GLN A 146 38.06 3.94 -3.18
CA GLN A 146 38.14 2.91 -2.16
C GLN A 146 38.93 1.72 -2.68
N ASN A 147 39.74 1.15 -1.79
CA ASN A 147 40.48 -0.04 -2.14
C ASN A 147 39.54 -1.24 -2.13
N ASN A 148 39.50 -1.96 -3.25
CA ASN A 148 38.72 -3.18 -3.38
C ASN A 148 39.36 -3.98 -4.51
N ILE A 149 38.81 -5.15 -4.79
CA ILE A 149 39.49 -6.06 -5.74
C ILE A 149 39.54 -5.43 -7.13
N TRP A 150 38.49 -4.69 -7.53
CA TRP A 150 38.47 -4.05 -8.83
C TRP A 150 39.51 -2.93 -8.91
N PHE A 151 39.52 -2.05 -7.91
CA PHE A 151 40.45 -0.93 -7.93
C PHE A 151 41.88 -1.40 -7.81
N ASP A 152 42.12 -2.37 -6.92
CA ASP A 152 43.48 -2.84 -6.69
C ASP A 152 44.07 -3.53 -7.91
N THR A 153 43.23 -4.20 -8.71
CA THR A 153 43.69 -4.97 -9.86
C THR A 153 43.65 -4.17 -11.17
N ILE A 154 42.65 -3.33 -11.36
CA ILE A 154 42.43 -2.65 -12.64
C ILE A 154 42.86 -1.19 -12.54
N GLY A 155 42.78 -0.63 -11.33
CA GLY A 155 43.00 0.79 -11.15
C GLY A 155 41.71 1.55 -11.29
N PRO A 156 41.77 2.88 -11.17
CA PRO A 156 40.54 3.68 -11.23
C PRO A 156 39.79 3.55 -12.55
N GLU A 157 40.47 3.09 -13.61
CA GLU A 157 39.82 2.90 -14.89
C GLU A 157 38.64 1.93 -14.82
N TYR A 158 38.56 1.10 -13.77
CA TYR A 158 37.47 0.13 -13.68
C TYR A 158 36.11 0.82 -13.69
N VAL A 159 36.01 2.05 -13.17
CA VAL A 159 34.72 2.72 -13.15
C VAL A 159 34.29 3.10 -14.56
N ALA A 160 35.17 3.82 -15.28
CA ALA A 160 34.86 4.14 -16.68
C ALA A 160 34.58 2.88 -17.49
N MET A 161 35.37 1.83 -17.26
CA MET A 161 35.20 0.59 -17.99
C MET A 161 33.82 -0.01 -17.79
N ALA A 162 33.32 0.02 -16.56
CA ALA A 162 31.99 -0.53 -16.31
C ALA A 162 30.91 0.24 -17.07
N PHE A 163 30.98 1.57 -17.04
CA PHE A 163 29.98 2.37 -17.77
C PHE A 163 30.13 2.19 -19.27
N GLU A 164 31.37 2.13 -19.76
CA GLU A 164 31.67 1.88 -21.16
C GLU A 164 31.04 0.58 -21.65
N TYR A 165 31.16 -0.48 -20.87
CA TYR A 165 30.60 -1.75 -21.35
C TYR A 165 29.11 -1.84 -21.10
N ALA A 166 28.59 -1.15 -20.08
CA ALA A 166 27.14 -1.02 -19.96
C ALA A 166 26.58 -0.26 -21.15
N GLU A 167 27.26 0.81 -21.59
CA GLU A 167 26.82 1.55 -22.78
C GLU A 167 26.86 0.67 -24.04
N LYS A 168 27.92 -0.14 -24.18
CA LYS A 168 27.95 -1.09 -25.30
C LYS A 168 26.71 -1.97 -25.29
N ALA A 169 26.32 -2.50 -24.13
CA ALA A 169 25.16 -3.37 -24.06
C ALA A 169 23.88 -2.63 -24.45
N VAL A 170 23.74 -1.37 -24.00
CA VAL A 170 22.55 -0.59 -24.35
C VAL A 170 22.51 -0.30 -25.85
N LYS A 171 23.65 0.06 -26.46
CA LYS A 171 23.61 0.38 -27.88
C LYS A 171 23.42 -0.87 -28.72
N ASP A 172 24.05 -1.97 -28.31
CA ASP A 172 23.96 -3.18 -29.10
C ASP A 172 22.57 -3.80 -29.07
N HIS A 173 21.71 -3.34 -28.16
CA HIS A 173 20.38 -3.91 -28.03
C HIS A 173 19.31 -2.83 -28.05
N LYS A 174 19.68 -1.62 -28.48
CA LYS A 174 18.76 -0.47 -28.63
C LYS A 174 17.91 -0.29 -27.36
N LEU A 175 18.59 -0.28 -26.22
CA LEU A 175 17.90 -0.18 -24.94
C LEU A 175 17.74 1.29 -24.54
N ASN A 176 16.84 1.51 -23.59
CA ASN A 176 16.59 2.83 -23.03
C ASN A 176 17.09 2.94 -21.60
N VAL A 177 17.77 1.89 -21.12
CA VAL A 177 18.18 1.83 -19.72
C VAL A 177 19.10 2.99 -19.37
N LYS A 178 18.86 3.60 -18.20
CA LYS A 178 19.72 4.65 -17.67
C LYS A 178 20.87 4.07 -16.84
N LEU A 179 22.05 4.68 -16.97
CA LEU A 179 23.24 4.18 -16.28
C LEU A 179 23.57 5.08 -15.09
N TYR A 180 23.53 4.51 -13.87
CA TYR A 180 23.72 5.29 -12.65
C TYR A 180 24.99 4.88 -11.89
N TYR A 181 25.63 5.88 -11.29
CA TYR A 181 26.61 5.69 -10.23
C TYR A 181 25.90 5.91 -8.90
N ASN A 182 26.08 5.00 -7.94
CA ASN A 182 25.30 5.04 -6.69
C ASN A 182 26.27 4.99 -5.50
N ASP A 183 26.07 5.87 -4.51
CA ASP A 183 26.99 5.90 -3.37
C ASP A 183 26.31 6.56 -2.17
N TYR A 184 26.96 6.41 -1.01
CA TYR A 184 26.50 7.02 0.24
C TYR A 184 27.52 8.06 0.71
N ASN A 185 27.09 8.91 1.63
CA ASN A 185 27.89 10.02 2.15
C ASN A 185 28.25 11.01 1.06
N ILE A 186 27.47 11.01 -0.02
CA ILE A 186 27.58 11.99 -1.09
C ILE A 186 26.32 12.86 -1.15
N GLU A 187 25.53 12.86 -0.06
CA GLU A 187 24.25 13.58 0.01
C GLU A 187 24.40 14.98 0.57
N TYR A 188 25.63 15.40 0.87
CA TYR A 188 25.94 16.70 1.43
C TYR A 188 27.24 17.16 0.78
N PRO A 189 27.47 18.47 0.65
CA PRO A 189 28.73 18.93 0.06
C PRO A 189 29.92 18.48 0.91
N GLY A 190 30.98 18.09 0.23
CA GLY A 190 32.16 17.64 0.92
C GLY A 190 33.03 16.87 -0.04
N PRO A 191 34.18 16.37 0.44
CA PRO A 191 35.13 15.73 -0.49
C PRO A 191 34.57 14.52 -1.20
N LYS A 192 33.75 13.71 -0.54
CA LYS A 192 33.22 12.52 -1.21
C LYS A 192 32.24 12.90 -2.31
N SER A 193 31.30 13.80 -2.01
CA SER A 193 30.37 14.27 -3.03
C SER A 193 31.11 14.91 -4.20
N THR A 194 32.12 15.74 -3.92
CA THR A 194 32.87 16.36 -5.00
C THR A 194 33.60 15.31 -5.85
N ALA A 195 34.10 14.26 -5.20
CA ALA A 195 34.75 13.17 -5.93
C ALA A 195 33.76 12.46 -6.85
N ALA A 196 32.52 12.25 -6.37
CA ALA A 196 31.50 11.66 -7.24
C ALA A 196 31.20 12.57 -8.41
N GLN A 197 31.13 13.89 -8.18
CA GLN A 197 30.89 14.81 -9.28
C GLN A 197 32.03 14.75 -10.29
N ASN A 198 33.26 14.57 -9.81
CA ASN A 198 34.40 14.47 -10.70
C ASN A 198 34.35 13.19 -11.53
N ILE A 199 33.86 12.09 -10.95
CA ILE A 199 33.62 10.89 -11.76
C ILE A 199 32.68 11.19 -12.91
N VAL A 200 31.57 11.89 -12.62
CA VAL A 200 30.62 12.23 -13.67
C VAL A 200 31.29 13.10 -14.72
N LYS A 201 32.05 14.11 -14.26
CA LYS A 201 32.70 15.01 -15.22
C LYS A 201 33.66 14.24 -16.10
N GLU A 202 34.40 13.30 -15.53
CA GLU A 202 35.40 12.60 -16.32
C GLU A 202 34.78 11.65 -17.33
N LEU A 203 33.68 10.98 -16.95
CA LEU A 203 32.98 10.14 -17.92
C LEU A 203 32.36 10.97 -19.03
N LYS A 204 31.74 12.10 -18.68
CA LYS A 204 31.20 12.98 -19.71
C LYS A 204 32.30 13.45 -20.65
N ALA A 205 33.48 13.73 -20.11
CA ALA A 205 34.59 14.21 -20.93
C ALA A 205 35.08 13.16 -21.91
N ARG A 206 34.91 11.88 -21.57
CA ARG A 206 35.32 10.77 -22.41
C ARG A 206 34.19 10.28 -23.30
N ASN A 207 33.06 10.97 -23.30
CA ASN A 207 31.89 10.58 -24.09
C ASN A 207 31.41 9.19 -23.69
N ILE A 208 31.51 8.89 -22.40
CA ILE A 208 30.98 7.64 -21.84
C ILE A 208 29.64 7.97 -21.21
N GLN A 209 28.64 7.15 -21.52
CA GLN A 209 27.28 7.44 -21.06
C GLN A 209 27.18 7.31 -19.55
N ILE A 210 26.68 8.37 -18.90
CA ILE A 210 26.26 8.29 -17.51
C ILE A 210 25.06 9.22 -17.38
N ASP A 211 23.95 8.67 -16.89
CA ASP A 211 22.68 9.35 -16.86
C ASP A 211 22.31 9.91 -15.50
N GLY A 212 22.87 9.38 -14.42
CA GLY A 212 22.42 9.80 -13.12
C GLY A 212 23.34 9.36 -12.01
N VAL A 213 23.16 10.00 -10.86
CA VAL A 213 23.82 9.62 -9.62
C VAL A 213 22.76 9.25 -8.59
N GLY A 214 22.95 8.11 -7.94
CA GLY A 214 22.10 7.70 -6.83
C GLY A 214 22.68 8.13 -5.51
N LEU A 215 21.85 8.81 -4.72
CA LEU A 215 22.22 9.35 -3.41
C LEU A 215 21.56 8.41 -2.40
N GLU A 216 22.34 7.51 -1.79
CA GLU A 216 21.75 6.41 -1.03
C GLU A 216 20.87 6.92 0.10
N SER A 217 21.36 7.91 0.85
CA SER A 217 20.57 8.56 1.91
C SER A 217 20.23 7.59 3.05
N HIS A 218 21.21 6.78 3.46
CA HIS A 218 21.10 6.03 4.72
C HIS A 218 21.52 6.94 5.87
N PHE A 219 20.53 7.53 6.55
CA PHE A 219 20.77 8.60 7.49
C PHE A 219 20.45 8.15 8.92
N ILE A 220 21.03 8.88 9.88
CA ILE A 220 20.69 8.76 11.30
C ILE A 220 19.85 9.97 11.69
N ALA A 221 18.76 9.72 12.41
CA ALA A 221 17.92 10.81 12.90
C ALA A 221 18.75 11.88 13.60
N GLY A 222 18.63 13.13 13.13
CA GLY A 222 19.36 14.24 13.69
C GLY A 222 20.72 14.50 13.06
N GLU A 223 21.28 13.53 12.34
CA GLU A 223 22.52 13.72 11.60
C GLU A 223 22.26 13.99 10.12
N THR A 224 21.08 13.66 9.64
CA THR A 224 20.69 13.92 8.26
C THR A 224 21.03 15.36 7.87
N PRO A 225 21.61 15.59 6.70
CA PRO A 225 21.80 16.98 6.25
C PRO A 225 20.46 17.68 6.10
N SER A 226 20.46 18.98 6.41
CA SER A 226 19.23 19.77 6.30
C SER A 226 18.71 19.73 4.86
N GLN A 227 17.40 19.97 4.71
CA GLN A 227 16.82 20.11 3.39
C GLN A 227 17.63 21.06 2.51
N ALA A 228 18.00 22.23 3.05
CA ALA A 228 18.79 23.19 2.28
C ALA A 228 20.14 22.63 1.85
N THR A 229 20.77 21.83 2.73
CA THR A 229 22.05 21.23 2.40
C THR A 229 21.90 20.22 1.27
N GLN A 230 20.83 19.42 1.29
CA GLN A 230 20.60 18.48 0.21
C GLN A 230 20.21 19.19 -1.09
N ILE A 231 19.47 20.30 -1.01
CA ILE A 231 19.08 21.02 -2.23
C ILE A 231 20.32 21.49 -2.98
N THR A 232 21.27 22.11 -2.26
CA THR A 232 22.44 22.61 -2.97
C THR A 232 23.32 21.45 -3.45
N ASN A 233 23.40 20.36 -2.68
CA ASN A 233 24.18 19.21 -3.13
C ASN A 233 23.59 18.61 -4.41
N MET A 234 22.26 18.42 -4.43
CA MET A 234 21.60 17.90 -5.62
C MET A 234 21.83 18.79 -6.83
N ALA A 235 21.80 20.12 -6.62
CA ALA A 235 22.07 21.06 -7.72
C ALA A 235 23.47 20.89 -8.27
N ASP A 236 24.45 20.62 -7.40
CA ASP A 236 25.83 20.42 -7.87
C ASP A 236 25.91 19.23 -8.83
N PHE A 237 25.17 18.16 -8.55
CA PHE A 237 25.16 17.02 -9.46
C PHE A 237 24.38 17.34 -10.73
N THR A 238 23.18 17.88 -10.58
CA THR A 238 22.35 18.04 -11.76
C THR A 238 22.91 19.08 -12.72
N SER A 239 23.73 20.02 -12.23
CA SER A 239 24.40 20.96 -13.12
C SER A 239 25.35 20.28 -14.10
N LEU A 240 25.70 19.01 -13.87
CA LEU A 240 26.54 18.26 -14.77
C LEU A 240 25.76 17.54 -15.88
N ASP A 241 24.49 17.91 -16.09
CA ASP A 241 23.64 17.35 -17.13
C ASP A 241 23.35 15.87 -16.87
N ILE A 242 22.93 15.57 -15.63
CA ILE A 242 22.50 14.25 -15.22
C ILE A 242 21.31 14.42 -14.30
N ASP A 243 20.59 13.31 -14.11
CA ASP A 243 19.57 13.21 -13.09
C ASP A 243 20.19 12.76 -11.77
N VAL A 244 19.45 12.95 -10.68
CA VAL A 244 19.78 12.27 -9.43
C VAL A 244 18.55 11.51 -8.96
N ALA A 245 18.77 10.57 -8.05
CA ALA A 245 17.66 9.88 -7.40
C ALA A 245 18.07 9.66 -5.97
N VAL A 246 17.11 9.78 -5.06
CA VAL A 246 17.29 9.31 -3.69
C VAL A 246 16.99 7.82 -3.70
N THR A 247 18.02 6.99 -3.45
CA THR A 247 17.91 5.57 -3.83
C THR A 247 17.71 4.58 -2.69
N GLU A 248 18.11 4.89 -1.47
CA GLU A 248 18.07 3.88 -0.40
C GLU A 248 17.71 4.53 0.93
N LEU A 249 16.75 5.46 0.91
CA LEU A 249 16.44 6.26 2.08
C LEU A 249 15.93 5.43 3.26
N ASP A 250 16.59 5.59 4.40
CA ASP A 250 16.00 5.21 5.69
C ASP A 250 16.64 6.13 6.73
N VAL A 251 15.98 6.24 7.88
CA VAL A 251 16.40 7.19 8.91
C VAL A 251 16.38 6.41 10.23
N ARG A 252 17.55 5.93 10.65
CA ARG A 252 17.67 5.03 11.79
C ARG A 252 17.84 5.80 13.07
N LEU A 253 17.35 5.21 14.16
CA LEU A 253 17.38 5.80 15.49
C LEU A 253 18.19 4.88 16.41
N TYR A 254 18.75 5.47 17.45
CA TYR A 254 19.31 4.66 18.53
C TYR A 254 18.16 4.10 19.36
N LEU A 255 18.13 2.78 19.52
CA LEU A 255 17.02 2.12 20.20
C LEU A 255 17.15 2.28 21.71
N PRO A 256 16.02 2.44 22.43
CA PRO A 256 14.67 2.49 21.88
C PRO A 256 14.33 3.90 21.39
N PRO A 257 13.37 4.01 20.47
CA PRO A 257 12.92 5.35 20.06
C PRO A 257 12.30 6.08 21.24
N ASN A 258 12.34 7.40 21.18
CA ASN A 258 11.60 8.23 22.12
C ASN A 258 10.95 9.38 21.37
N ALA A 259 10.17 10.19 22.09
CA ALA A 259 9.40 11.24 21.43
C ALA A 259 10.30 12.18 20.65
N THR A 260 11.47 12.50 21.19
CA THR A 260 12.38 13.42 20.52
C THR A 260 12.94 12.78 19.25
N SER A 261 13.49 11.57 19.35
CA SER A 261 14.12 10.99 18.16
C SER A 261 13.09 10.61 17.09
N GLU A 262 11.87 10.24 17.50
CA GLU A 262 10.83 10.02 16.50
C GLU A 262 10.49 11.31 15.78
N ALA A 263 10.42 12.43 16.52
CA ALA A 263 10.16 13.71 15.87
C ALA A 263 11.29 14.06 14.92
N GLN A 264 12.52 13.74 15.30
CA GLN A 264 13.64 13.96 14.40
C GLN A 264 13.50 13.14 13.12
N GLN A 265 13.04 11.90 13.26
CA GLN A 265 12.90 11.02 12.09
C GLN A 265 11.91 11.61 11.09
N VAL A 266 10.76 12.08 11.58
CA VAL A 266 9.77 12.69 10.69
C VAL A 266 10.39 13.87 9.96
N ALA A 267 11.09 14.72 10.71
CA ALA A 267 11.75 15.89 10.12
C ALA A 267 12.78 15.49 9.07
N ASP A 268 13.54 14.42 9.32
CA ASP A 268 14.59 14.01 8.40
C ASP A 268 14.03 13.32 7.15
N TYR A 269 13.00 12.49 7.29
CA TYR A 269 12.32 11.99 6.10
C TYR A 269 11.76 13.14 5.31
N TYR A 270 11.11 14.09 5.99
CA TYR A 270 10.56 15.26 5.30
C TYR A 270 11.66 16.01 4.54
N ALA A 271 12.78 16.31 5.20
CA ALA A 271 13.83 17.11 4.58
C ALA A 271 14.35 16.44 3.31
N THR A 272 14.53 15.12 3.34
CA THR A 272 15.08 14.43 2.18
C THR A 272 14.09 14.40 1.01
N VAL A 273 12.85 14.04 1.30
CA VAL A 273 11.84 14.03 0.25
C VAL A 273 11.61 15.45 -0.28
N ALA A 274 11.62 16.45 0.61
CA ALA A 274 11.38 17.83 0.17
C ALA A 274 12.53 18.31 -0.72
N ALA A 275 13.77 17.95 -0.39
CA ALA A 275 14.88 18.35 -1.26
C ALA A 275 14.73 17.72 -2.65
N CYS A 276 14.34 16.45 -2.71
CA CYS A 276 14.10 15.86 -4.02
C CYS A 276 12.96 16.59 -4.75
N ALA A 277 11.87 16.87 -4.03
CA ALA A 277 10.74 17.58 -4.65
C ALA A 277 11.15 18.95 -5.20
N ALA A 278 12.10 19.62 -4.54
CA ALA A 278 12.57 20.93 -4.98
C ALA A 278 13.53 20.87 -6.15
N THR A 279 13.96 19.66 -6.55
CA THR A 279 15.03 19.48 -7.52
C THR A 279 14.42 18.93 -8.82
N GLU A 280 14.44 19.75 -9.86
CA GLU A 280 13.74 19.38 -11.10
C GLU A 280 14.21 18.03 -11.64
N ARG A 281 15.50 17.73 -11.53
CA ARG A 281 16.04 16.52 -12.12
C ARG A 281 16.31 15.43 -11.08
N CYS A 282 15.75 15.58 -9.87
CA CYS A 282 15.64 14.42 -8.98
C CYS A 282 14.42 13.64 -9.44
N ILE A 283 14.63 12.42 -9.95
CA ILE A 283 13.54 11.70 -10.59
C ILE A 283 12.71 10.89 -9.62
N GLY A 284 13.11 10.76 -8.35
CA GLY A 284 12.30 9.97 -7.45
C GLY A 284 13.01 9.67 -6.15
N ILE A 285 12.24 9.12 -5.21
CA ILE A 285 12.69 8.69 -3.90
C ILE A 285 12.39 7.21 -3.76
N THR A 286 13.37 6.44 -3.33
CA THR A 286 13.20 5.04 -2.99
C THR A 286 13.67 4.86 -1.56
N VAL A 287 12.83 4.24 -0.72
CA VAL A 287 13.24 3.88 0.64
C VAL A 287 13.84 2.49 0.63
N TRP A 288 14.80 2.24 1.54
CA TRP A 288 15.48 0.94 1.57
C TRP A 288 14.64 -0.05 2.39
N ASP A 289 13.51 -0.42 1.77
CA ASP A 289 12.39 -1.18 2.34
C ASP A 289 11.59 -0.30 3.28
N PHE A 290 10.37 -0.74 3.61
CA PHE A 290 9.39 0.13 4.25
C PHE A 290 8.85 -0.43 5.54
N ASP A 291 9.37 -1.58 6.00
CA ASP A 291 8.84 -2.29 7.16
C ASP A 291 10.01 -2.69 8.04
N ASP A 292 10.04 -2.16 9.28
CA ASP A 292 11.12 -2.43 10.21
C ASP A 292 11.42 -3.91 10.36
N THR A 293 10.38 -4.75 10.26
CA THR A 293 10.55 -6.20 10.42
C THR A 293 11.66 -6.74 9.55
N TYR A 294 11.78 -6.22 8.33
CA TYR A 294 12.71 -6.73 7.33
C TYR A 294 13.83 -5.76 7.02
N SER A 295 13.89 -4.62 7.71
CA SER A 295 14.94 -3.64 7.49
C SER A 295 16.32 -4.23 7.76
N TRP A 296 17.30 -3.82 6.95
CA TRP A 296 18.69 -4.22 7.13
C TRP A 296 19.38 -3.52 8.30
N VAL A 297 18.73 -2.56 8.94
CA VAL A 297 19.47 -1.62 9.80
C VAL A 297 20.05 -2.27 11.06
N PRO A 298 19.28 -3.01 11.85
CA PRO A 298 19.86 -3.55 13.11
C PRO A 298 21.11 -4.39 12.88
N SER A 299 21.22 -5.00 11.71
CA SER A 299 22.33 -5.90 11.43
C SER A 299 23.58 -5.18 10.97
N THR A 300 23.42 -4.04 10.32
CA THR A 300 24.51 -3.29 9.74
C THR A 300 25.02 -2.21 10.68
N PHE A 301 24.15 -1.70 11.55
CA PHE A 301 24.46 -0.57 12.42
C PHE A 301 24.08 -0.95 13.84
N ALA A 302 25.07 -1.29 14.66
CA ALA A 302 24.79 -1.88 15.96
C ALA A 302 24.06 -0.90 16.88
N GLY A 303 23.03 -1.39 17.57
CA GLY A 303 22.28 -0.57 18.50
C GLY A 303 21.23 0.34 17.88
N GLN A 304 21.00 0.23 16.58
CA GLN A 304 20.11 1.15 15.90
C GLN A 304 19.01 0.37 15.20
N GLY A 305 17.91 1.09 14.85
CA GLY A 305 16.77 0.49 14.21
C GLY A 305 15.64 1.47 13.98
N TYR A 306 14.41 0.96 13.92
CA TYR A 306 13.19 1.76 13.78
C TYR A 306 13.23 2.67 12.55
N ALA A 307 13.91 2.23 11.48
CA ALA A 307 14.32 3.19 10.46
C ALA A 307 13.30 3.41 9.33
N ASP A 308 12.23 2.60 9.25
CA ASP A 308 11.35 2.56 8.08
C ASP A 308 10.00 3.21 8.35
N LEU A 309 9.18 3.32 7.29
CA LEU A 309 7.90 4.04 7.37
C LEU A 309 6.80 3.26 8.09
N PHE A 310 6.88 1.94 8.13
CA PHE A 310 5.91 1.08 8.80
C PHE A 310 6.65 0.13 9.72
N PHE A 311 5.93 -0.42 10.71
CA PHE A 311 6.45 -1.53 11.50
C PHE A 311 5.30 -2.47 11.87
N GLN A 312 5.67 -3.63 12.41
CA GLN A 312 4.71 -4.64 12.83
C GLN A 312 4.93 -4.93 14.31
N PRO A 313 4.12 -4.36 15.20
CA PRO A 313 4.35 -4.59 16.64
C PRO A 313 4.26 -6.05 17.02
N ASP A 314 3.53 -6.88 16.27
CA ASP A 314 3.41 -8.30 16.57
C ASP A 314 4.21 -9.18 15.62
N GLY A 315 5.12 -8.60 14.84
CA GLY A 315 6.09 -9.39 14.10
C GLY A 315 5.62 -9.77 12.71
N PRO A 316 6.42 -10.61 12.03
CA PRO A 316 6.07 -11.00 10.67
C PRO A 316 4.66 -11.54 10.57
N ASN A 317 4.00 -11.24 9.45
CA ASN A 317 2.68 -11.77 9.12
C ASN A 317 1.59 -11.28 10.05
N THR A 318 1.74 -10.07 10.59
CA THR A 318 0.72 -9.40 11.38
C THR A 318 0.56 -7.99 10.84
N PRO A 319 -0.48 -7.27 11.26
CA PRO A 319 -0.81 -6.00 10.58
C PRO A 319 0.29 -4.94 10.72
N LEU A 320 0.40 -4.14 9.67
CA LEU A 320 1.33 -3.02 9.66
C LEU A 320 0.81 -1.87 10.50
N VAL A 321 1.73 -1.06 11.00
CA VAL A 321 1.39 0.21 11.63
C VAL A 321 2.15 1.29 10.89
N LYS A 322 1.40 2.27 10.37
CA LYS A 322 1.98 3.38 9.63
C LYS A 322 2.57 4.37 10.62
N LYS A 323 3.82 4.78 10.41
CA LYS A 323 4.47 5.71 11.30
C LYS A 323 4.24 7.16 10.88
N ALA A 324 4.43 8.08 11.84
CA ALA A 324 4.37 9.50 11.52
C ALA A 324 5.34 9.86 10.40
N ALA A 325 6.46 9.15 10.29
CA ALA A 325 7.41 9.42 9.21
C ALA A 325 6.77 9.34 7.83
N TYR A 326 5.79 8.45 7.65
CA TYR A 326 5.07 8.38 6.39
C TYR A 326 4.47 9.73 6.02
N ASP A 327 3.82 10.37 7.00
CA ASP A 327 3.19 11.67 6.75
C ASP A 327 4.23 12.75 6.47
N GLY A 328 5.41 12.62 7.05
CA GLY A 328 6.50 13.52 6.69
C GLY A 328 6.81 13.46 5.19
N CYS A 329 6.92 12.24 4.65
CA CYS A 329 7.11 12.08 3.21
C CYS A 329 5.96 12.68 2.43
N LEU A 330 4.73 12.40 2.86
CA LEU A 330 3.58 12.86 2.10
C LEU A 330 3.52 14.39 2.09
N GLN A 331 3.76 15.00 3.26
CA GLN A 331 3.71 16.46 3.36
C GLN A 331 4.80 17.11 2.53
N ALA A 332 5.98 16.49 2.47
CA ALA A 332 7.06 17.03 1.63
C ALA A 332 6.68 17.06 0.16
N LEU A 333 5.89 16.10 -0.31
CA LEU A 333 5.46 16.11 -1.70
C LEU A 333 4.29 17.06 -1.94
N GLN A 334 3.43 17.24 -0.95
CA GLN A 334 2.34 18.21 -1.07
C GLN A 334 2.84 19.64 -0.96
N HIS A 335 3.74 19.91 -0.01
CA HIS A 335 4.23 21.29 0.23
C HIS A 335 4.92 21.85 -1.01
N TRP B 1 -27.15 -10.35 27.94
CA TRP B 1 -27.90 -9.45 27.06
C TRP B 1 -26.97 -8.47 26.37
N GLY B 2 -26.90 -8.53 25.03
CA GLY B 2 -25.89 -7.77 24.32
C GLY B 2 -26.45 -6.88 23.22
N LEU B 3 -25.55 -6.35 22.39
CA LEU B 3 -25.94 -5.34 21.41
C LEU B 3 -26.92 -5.90 20.39
N ASN B 4 -26.73 -7.17 19.99
CA ASN B 4 -27.63 -7.71 18.98
C ASN B 4 -28.99 -8.04 19.59
N ASN B 5 -29.02 -8.54 20.84
CA ASN B 5 -30.29 -8.69 21.54
C ASN B 5 -31.03 -7.37 21.58
N ALA B 6 -30.32 -6.30 21.94
CA ALA B 6 -30.97 -5.00 22.09
C ALA B 6 -31.43 -4.47 20.74
N ALA B 7 -30.61 -4.61 19.70
CA ALA B 7 -31.00 -4.13 18.37
C ALA B 7 -32.21 -4.88 17.84
N ARG B 8 -32.24 -6.21 17.99
CA ARG B 8 -33.37 -6.98 17.53
C ARG B 8 -34.63 -6.67 18.34
N ALA B 9 -34.48 -6.34 19.62
CA ALA B 9 -35.65 -5.93 20.41
C ALA B 9 -36.21 -4.58 19.97
N ASP B 10 -35.40 -3.76 19.31
CA ASP B 10 -35.84 -2.48 18.75
C ASP B 10 -36.27 -2.60 17.30
N GLY B 11 -36.46 -3.80 16.79
CA GLY B 11 -36.91 -3.98 15.43
C GLY B 11 -35.84 -4.03 14.37
N LYS B 12 -34.56 -3.93 14.75
CA LYS B 12 -33.49 -4.02 13.76
C LYS B 12 -33.24 -5.48 13.39
N LEU B 13 -32.65 -5.69 12.21
CA LEU B 13 -32.27 -7.04 11.82
C LEU B 13 -31.02 -7.53 12.52
N TRP B 14 -30.15 -6.64 12.99
CA TRP B 14 -28.91 -7.08 13.64
C TRP B 14 -28.21 -5.91 14.30
N PHE B 15 -27.36 -6.24 15.26
CA PHE B 15 -26.10 -5.53 15.48
C PHE B 15 -25.00 -6.44 14.97
N GLY B 16 -24.07 -5.88 14.18
CA GLY B 16 -23.17 -6.72 13.42
C GLY B 16 -21.73 -6.23 13.49
N THR B 17 -20.84 -7.06 12.95
CA THR B 17 -19.44 -6.68 12.84
C THR B 17 -18.82 -7.28 11.59
N ALA B 18 -17.98 -6.48 10.95
CA ALA B 18 -17.06 -7.01 9.97
C ALA B 18 -16.02 -7.88 10.65
N ALA B 19 -15.44 -8.77 9.86
CA ALA B 19 -14.30 -9.55 10.32
C ALA B 19 -13.46 -9.89 9.11
N ASP B 20 -12.14 -9.85 9.29
CA ASP B 20 -11.18 -10.22 8.25
C ASP B 20 -10.94 -11.72 8.33
N ILE B 21 -11.99 -12.45 7.96
CA ILE B 21 -12.02 -13.92 8.04
C ILE B 21 -12.27 -14.44 6.63
N PRO B 22 -11.53 -15.47 6.16
CA PRO B 22 -10.47 -16.19 6.86
C PRO B 22 -9.23 -15.35 7.06
N GLY B 23 -8.54 -15.61 8.15
CA GLY B 23 -7.31 -14.90 8.43
C GLY B 23 -6.87 -15.08 9.87
N LEU B 24 -5.90 -14.23 10.24
CA LEU B 24 -5.25 -14.23 11.54
C LEU B 24 -6.24 -14.26 12.71
N GLU B 25 -7.38 -13.57 12.57
CA GLU B 25 -8.35 -13.50 13.66
C GLU B 25 -8.84 -14.87 14.09
N GLN B 26 -8.90 -15.83 13.16
CA GLN B 26 -9.34 -17.16 13.51
C GLN B 26 -8.42 -17.82 14.53
N ASP B 27 -7.17 -17.38 14.61
CA ASP B 27 -6.20 -17.95 15.54
C ASP B 27 -6.21 -17.28 16.91
N ASP B 28 -7.10 -16.31 17.14
CA ASP B 28 -7.21 -15.60 18.41
C ASP B 28 -8.47 -16.09 19.11
N ARG B 29 -8.29 -16.94 20.13
CA ARG B 29 -9.45 -17.59 20.74
C ARG B 29 -10.33 -16.61 21.49
N TYR B 30 -9.77 -15.51 21.99
CA TYR B 30 -10.56 -14.49 22.68
C TYR B 30 -11.34 -13.64 21.68
N TYR B 31 -10.71 -13.30 20.55
CA TYR B 31 -11.43 -12.65 19.46
C TYR B 31 -12.59 -13.53 18.98
N MET B 32 -12.33 -14.80 18.69
CA MET B 32 -13.37 -15.66 18.14
C MET B 32 -14.49 -15.95 19.14
N LYS B 33 -14.19 -15.99 20.43
CA LYS B 33 -15.27 -16.17 21.39
C LYS B 33 -16.28 -15.01 21.31
N GLU B 34 -15.78 -13.79 21.17
CA GLU B 34 -16.67 -12.63 21.06
C GLU B 34 -17.29 -12.52 19.68
N TYR B 35 -16.54 -12.82 18.62
CA TYR B 35 -17.15 -12.86 17.30
C TYR B 35 -18.33 -13.82 17.27
N ASN B 36 -18.18 -14.99 17.90
CA ASN B 36 -19.23 -15.98 17.88
C ASN B 36 -20.37 -15.68 18.85
N ASN B 37 -20.27 -14.58 19.62
CA ASN B 37 -21.25 -14.27 20.65
C ASN B 37 -22.47 -13.61 20.00
N THR B 38 -23.52 -14.39 19.78
CA THR B 38 -24.70 -13.88 19.10
C THR B 38 -25.45 -12.85 19.93
N HIS B 39 -25.22 -12.80 21.25
CA HIS B 39 -25.78 -11.73 22.07
C HIS B 39 -25.32 -10.37 21.56
N ASP B 40 -24.08 -10.28 21.07
CA ASP B 40 -23.54 -9.04 20.56
C ASP B 40 -23.64 -8.90 19.05
N PHE B 41 -23.45 -9.98 18.28
CA PHE B 41 -23.33 -9.88 16.83
C PHE B 41 -24.23 -10.90 16.15
N GLY B 42 -25.34 -10.41 15.59
CA GLY B 42 -26.23 -11.20 14.78
C GLY B 42 -26.09 -10.90 13.30
N GLY B 43 -25.09 -10.13 12.91
CA GLY B 43 -24.84 -9.86 11.50
C GLY B 43 -23.34 -9.75 11.30
N THR B 44 -22.90 -9.94 10.06
CA THR B 44 -21.47 -9.82 9.77
C THR B 44 -21.27 -9.49 8.30
N THR B 45 -20.09 -8.94 8.00
CA THR B 45 -19.63 -8.56 6.67
C THR B 45 -18.21 -9.08 6.52
N PRO B 46 -17.88 -9.75 5.41
CA PRO B 46 -16.48 -10.17 5.20
C PRO B 46 -15.65 -8.95 4.81
N ALA B 47 -14.53 -8.73 5.50
CA ALA B 47 -13.75 -7.54 5.22
C ALA B 47 -13.03 -7.62 3.87
N ASN B 48 -12.75 -8.82 3.36
CA ASN B 48 -11.92 -8.91 2.16
C ASN B 48 -12.26 -10.06 1.21
N ILE B 49 -12.65 -11.22 1.75
CA ILE B 49 -12.58 -12.46 0.97
C ILE B 49 -13.60 -12.51 -0.17
N MET B 50 -14.65 -11.69 -0.16
CA MET B 50 -15.61 -11.68 -1.24
C MET B 50 -15.32 -10.62 -2.30
N LYS B 51 -14.21 -9.91 -2.20
CA LYS B 51 -13.91 -8.89 -3.19
C LYS B 51 -13.46 -9.52 -4.50
N PHE B 52 -13.42 -8.67 -5.54
CA PHE B 52 -13.16 -9.10 -6.91
C PHE B 52 -11.88 -9.93 -7.03
N MET B 53 -10.77 -9.45 -6.46
CA MET B 53 -9.50 -10.14 -6.66
C MET B 53 -9.48 -11.54 -6.03
N PHE B 54 -10.35 -11.80 -5.07
CA PHE B 54 -10.40 -13.13 -4.45
C PHE B 54 -11.43 -14.04 -5.11
N THR B 55 -12.50 -13.48 -5.67
CA THR B 55 -13.57 -14.28 -6.23
C THR B 55 -13.43 -14.51 -7.73
N GLU B 56 -12.67 -13.69 -8.44
CA GLU B 56 -12.35 -13.92 -9.85
C GLU B 56 -10.86 -13.68 -10.06
N PRO B 57 -10.00 -14.55 -9.50
CA PRO B 57 -8.55 -14.30 -9.56
C PRO B 57 -7.97 -14.33 -10.97
N GLU B 58 -8.62 -15.02 -11.91
CA GLU B 58 -8.30 -14.89 -13.32
C GLU B 58 -9.62 -14.75 -14.07
N GLN B 59 -9.54 -14.27 -15.31
CA GLN B 59 -10.76 -13.90 -16.01
C GLN B 59 -11.65 -15.13 -16.22
N ASN B 60 -12.91 -15.02 -15.78
CA ASN B 60 -13.92 -16.08 -15.82
C ASN B 60 -13.54 -17.32 -15.03
N VAL B 61 -12.55 -17.25 -14.14
CA VAL B 61 -12.19 -18.38 -13.29
C VAL B 61 -12.46 -17.96 -11.85
N PHE B 62 -13.55 -18.47 -11.29
CA PHE B 62 -14.03 -18.03 -9.99
C PHE B 62 -13.51 -18.94 -8.88
N ASN B 63 -13.27 -18.34 -7.72
CA ASN B 63 -12.85 -19.05 -6.52
C ASN B 63 -13.77 -18.62 -5.38
N PHE B 64 -14.69 -19.50 -5.00
CA PHE B 64 -15.65 -19.25 -3.94
C PHE B 64 -15.25 -19.87 -2.60
N THR B 65 -14.11 -20.54 -2.54
CA THR B 65 -13.79 -21.34 -1.37
C THR B 65 -13.63 -20.47 -0.12
N GLY B 66 -12.83 -19.41 -0.22
CA GLY B 66 -12.65 -18.53 0.92
C GLY B 66 -13.95 -17.91 1.38
N ALA B 67 -14.74 -17.41 0.43
CA ALA B 67 -16.02 -16.81 0.77
C ALA B 67 -16.96 -17.81 1.42
N GLN B 68 -16.94 -19.06 0.96
CA GLN B 68 -17.81 -20.07 1.56
C GLN B 68 -17.37 -20.42 2.98
N GLU B 69 -16.07 -20.41 3.25
CA GLU B 69 -15.61 -20.61 4.63
C GLU B 69 -16.15 -19.51 5.53
N PHE B 70 -16.07 -18.25 5.07
CA PHE B 70 -16.64 -17.15 5.85
C PHE B 70 -18.12 -17.38 6.12
N LEU B 71 -18.88 -17.72 5.08
CA LEU B 71 -20.32 -17.89 5.23
C LEU B 71 -20.64 -19.02 6.18
N ASP B 72 -19.86 -20.11 6.10
CA ASP B 72 -20.08 -21.23 7.01
C ASP B 72 -19.85 -20.82 8.46
N ILE B 73 -18.80 -20.03 8.72
CA ILE B 73 -18.54 -19.54 10.07
C ILE B 73 -19.67 -18.62 10.52
N ALA B 74 -20.12 -17.75 9.63
CA ALA B 74 -21.22 -16.85 9.96
C ALA B 74 -22.49 -17.63 10.29
N PHE B 75 -22.77 -18.66 9.48
CA PHE B 75 -23.95 -19.49 9.70
C PHE B 75 -23.92 -20.17 11.07
N ALA B 76 -22.73 -20.56 11.54
CA ALA B 76 -22.61 -21.29 12.80
C ALA B 76 -23.10 -20.47 14.00
N SER B 77 -23.01 -19.13 13.95
CA SER B 77 -23.57 -18.31 15.01
C SER B 77 -24.77 -17.49 14.54
N HIS B 78 -25.48 -17.98 13.52
CA HIS B 78 -26.78 -17.45 13.14
C HIS B 78 -26.69 -15.97 12.75
N LYS B 79 -25.68 -15.62 11.95
CA LYS B 79 -25.49 -14.25 11.50
C LYS B 79 -26.04 -14.06 10.10
N LEU B 80 -26.81 -12.97 9.91
CA LEU B 80 -27.17 -12.50 8.58
C LEU B 80 -25.96 -11.79 7.97
N VAL B 81 -25.70 -12.03 6.69
CA VAL B 81 -24.45 -11.62 6.05
C VAL B 81 -24.72 -10.53 5.03
N ARG B 82 -24.01 -9.39 5.17
CA ARG B 82 -23.96 -8.36 4.13
C ARG B 82 -22.78 -8.75 3.24
N CYS B 83 -23.07 -9.35 2.09
CA CYS B 83 -21.99 -9.71 1.19
C CYS B 83 -21.42 -8.45 0.56
N HIS B 84 -20.09 -8.43 0.43
CA HIS B 84 -19.37 -7.20 0.12
C HIS B 84 -18.08 -7.55 -0.60
N ASN B 85 -17.82 -7.01 -1.80
CA ASN B 85 -18.71 -6.16 -2.59
C ASN B 85 -18.48 -6.61 -4.04
N LEU B 86 -19.31 -6.17 -4.98
CA LEU B 86 -19.16 -6.66 -6.36
C LEU B 86 -18.24 -5.77 -7.19
N ILE B 87 -18.64 -4.51 -7.41
CA ILE B 87 -17.90 -3.57 -8.25
C ILE B 87 -17.33 -2.47 -7.37
N TRP B 88 -16.00 -2.31 -7.41
CA TRP B 88 -15.24 -1.38 -6.60
C TRP B 88 -13.99 -0.99 -7.37
N GLN B 89 -13.51 0.23 -7.16
CA GLN B 89 -12.34 0.69 -7.91
C GLN B 89 -11.06 0.00 -7.49
N SER B 90 -10.98 -0.51 -6.26
CA SER B 90 -9.71 -0.85 -5.65
C SER B 90 -9.46 -2.35 -5.62
N GLU B 91 -8.19 -2.71 -5.43
CA GLU B 91 -7.75 -4.08 -5.19
C GLU B 91 -8.29 -5.04 -6.26
N LEU B 92 -8.21 -4.61 -7.50
CA LEU B 92 -8.57 -5.45 -8.63
C LEU B 92 -7.37 -6.33 -9.01
N PRO B 93 -7.63 -7.52 -9.55
CA PRO B 93 -6.52 -8.41 -9.91
C PRO B 93 -5.73 -7.89 -11.09
N THR B 94 -4.45 -8.30 -11.17
CA THR B 94 -3.57 -7.78 -12.20
C THR B 94 -4.03 -8.13 -13.62
N TRP B 95 -4.95 -9.10 -13.76
CA TRP B 95 -5.52 -9.31 -15.09
C TRP B 95 -6.55 -8.25 -15.45
N VAL B 96 -6.91 -7.36 -14.52
CA VAL B 96 -7.84 -6.26 -14.80
C VAL B 96 -7.04 -4.97 -14.87
N THR B 97 -6.03 -4.83 -14.02
CA THR B 97 -5.26 -3.59 -13.91
C THR B 97 -4.03 -3.55 -14.80
N ASN B 98 -3.42 -4.71 -15.11
CA ASN B 98 -2.26 -4.77 -15.99
C ASN B 98 -2.54 -5.75 -17.12
N PRO B 99 -3.57 -5.50 -17.93
CA PRO B 99 -3.93 -6.46 -18.98
C PRO B 99 -2.95 -6.40 -20.14
N THR B 100 -2.89 -7.50 -20.88
CA THR B 100 -2.14 -7.55 -22.13
C THR B 100 -2.65 -6.48 -23.07
N THR B 101 -3.85 -6.70 -23.61
CA THR B 101 -4.55 -5.69 -24.39
C THR B 101 -5.12 -4.63 -23.44
N ASN B 102 -5.79 -3.64 -24.03
CA ASN B 102 -6.47 -2.61 -23.28
C ASN B 102 -7.97 -2.85 -23.35
N TRP B 103 -8.64 -2.70 -22.20
CA TRP B 103 -10.09 -2.86 -22.17
C TRP B 103 -10.76 -1.85 -23.08
N THR B 104 -11.91 -2.24 -23.62
CA THR B 104 -12.84 -1.35 -24.29
C THR B 104 -14.14 -1.34 -23.50
N ASN B 105 -15.06 -0.44 -23.89
CA ASN B 105 -16.36 -0.39 -23.21
C ASN B 105 -17.02 -1.76 -23.20
N GLU B 106 -17.03 -2.43 -24.36
CA GLU B 106 -17.75 -3.70 -24.46
C GLU B 106 -17.07 -4.79 -23.66
N THR B 107 -15.76 -4.95 -23.80
CA THR B 107 -15.09 -6.04 -23.11
C THR B 107 -15.04 -5.82 -21.60
N LEU B 108 -15.11 -4.58 -21.13
CA LEU B 108 -15.20 -4.36 -19.69
C LEU B 108 -16.62 -4.49 -19.20
N SER B 109 -17.59 -4.00 -19.98
CA SER B 109 -18.99 -4.15 -19.61
C SER B 109 -19.35 -5.61 -19.40
N LYS B 110 -18.74 -6.50 -20.17
CA LYS B 110 -19.03 -7.92 -20.03
C LYS B 110 -18.30 -8.53 -18.83
N VAL B 111 -17.11 -8.04 -18.52
CA VAL B 111 -16.43 -8.45 -17.30
C VAL B 111 -17.29 -8.08 -16.09
N LEU B 112 -17.78 -6.84 -16.07
CA LEU B 112 -18.63 -6.39 -14.96
C LEU B 112 -19.90 -7.22 -14.88
N GLN B 113 -20.63 -7.32 -16.00
CA GLN B 113 -21.86 -8.10 -16.06
C GLN B 113 -21.62 -9.53 -15.59
N ASN B 114 -20.55 -10.16 -16.08
CA ASN B 114 -20.27 -11.54 -15.72
C ASN B 114 -19.94 -11.66 -14.23
N HIS B 115 -19.11 -10.76 -13.70
CA HIS B 115 -18.74 -10.84 -12.29
C HIS B 115 -19.96 -10.70 -11.40
N VAL B 116 -20.78 -9.68 -11.66
CA VAL B 116 -21.95 -9.41 -10.82
C VAL B 116 -22.93 -10.58 -10.90
N TYR B 117 -23.24 -11.03 -12.11
CA TYR B 117 -24.29 -12.03 -12.27
C TYR B 117 -23.89 -13.36 -11.65
N THR B 118 -22.66 -13.83 -11.88
CA THR B 118 -22.33 -15.15 -11.36
C THR B 118 -22.11 -15.12 -9.84
N LEU B 119 -21.59 -14.02 -9.29
CA LEU B 119 -21.47 -13.96 -7.83
C LEU B 119 -22.83 -13.94 -7.15
N VAL B 120 -23.75 -13.11 -7.65
CA VAL B 120 -25.09 -13.05 -7.05
C VAL B 120 -25.81 -14.38 -7.25
N SER B 121 -25.71 -14.95 -8.44
CA SER B 121 -26.35 -16.23 -8.70
C SER B 121 -25.77 -17.33 -7.83
N HIS B 122 -24.45 -17.37 -7.67
CA HIS B 122 -23.81 -18.51 -7.00
C HIS B 122 -24.16 -18.54 -5.51
N PHE B 123 -24.01 -17.42 -4.81
CA PHE B 123 -24.22 -17.41 -3.38
C PHE B 123 -25.68 -17.36 -3.00
N GLY B 124 -26.55 -16.88 -3.90
CA GLY B 124 -27.97 -16.84 -3.63
C GLY B 124 -28.30 -16.21 -2.30
N ASP B 125 -29.22 -16.84 -1.58
CA ASP B 125 -29.72 -16.28 -0.32
C ASP B 125 -28.84 -16.60 0.87
N GLN B 126 -27.63 -17.12 0.67
CA GLN B 126 -26.64 -17.08 1.73
C GLN B 126 -26.31 -15.64 2.12
N CYS B 127 -26.57 -14.71 1.21
CA CYS B 127 -26.34 -13.29 1.42
C CYS B 127 -27.66 -12.62 1.77
N TYR B 128 -27.69 -11.88 2.89
CA TYR B 128 -28.85 -11.02 3.09
C TYR B 128 -28.90 -9.93 2.03
N SER B 129 -27.74 -9.35 1.73
CA SER B 129 -27.66 -8.26 0.77
C SER B 129 -26.32 -8.36 0.06
N TRP B 130 -26.20 -7.63 -1.05
CA TRP B 130 -24.92 -7.40 -1.70
C TRP B 130 -24.68 -5.90 -1.75
N ASP B 131 -23.45 -5.51 -1.47
CA ASP B 131 -23.00 -4.16 -1.79
C ASP B 131 -22.60 -4.21 -3.27
N VAL B 132 -23.55 -3.83 -4.14
CA VAL B 132 -23.40 -4.10 -5.57
C VAL B 132 -22.36 -3.17 -6.17
N VAL B 133 -22.44 -1.89 -5.81
CA VAL B 133 -21.42 -0.92 -6.17
C VAL B 133 -20.95 -0.27 -4.89
N ASN B 134 -19.64 -0.13 -4.74
CA ASN B 134 -19.01 0.43 -3.55
C ASN B 134 -18.28 1.69 -3.95
N GLU B 135 -18.64 2.82 -3.31
CA GLU B 135 -17.84 4.05 -3.36
C GLU B 135 -17.65 4.55 -4.79
N ALA B 136 -18.77 4.77 -5.48
CA ALA B 136 -18.72 5.26 -6.85
C ALA B 136 -18.60 6.77 -6.94
N LEU B 137 -18.66 7.48 -5.81
CA LEU B 137 -18.70 8.94 -5.82
C LEU B 137 -17.37 9.52 -5.38
N SER B 138 -17.04 10.68 -5.96
CA SER B 138 -15.80 11.35 -5.62
C SER B 138 -15.97 12.23 -4.38
N ASP B 139 -14.84 12.53 -3.74
CA ASP B 139 -14.78 13.53 -2.69
C ASP B 139 -14.36 14.90 -3.22
N ASP B 140 -13.92 14.99 -4.46
CA ASP B 140 -13.36 16.22 -4.98
C ASP B 140 -13.44 16.23 -6.51
N PRO B 141 -14.42 16.93 -7.10
CA PRO B 141 -15.47 17.61 -6.33
C PRO B 141 -16.53 16.64 -5.82
N ALA B 142 -17.08 16.93 -4.63
CA ALA B 142 -17.82 15.92 -3.87
C ALA B 142 -18.96 15.28 -4.68
N GLY B 143 -19.76 16.08 -5.38
CA GLY B 143 -20.91 15.52 -6.06
C GLY B 143 -20.58 14.57 -7.21
N SER B 144 -19.35 14.57 -7.69
CA SER B 144 -19.06 14.00 -9.00
C SER B 144 -18.84 12.49 -8.90
N TYR B 145 -18.86 11.84 -10.05
CA TYR B 145 -18.52 10.43 -10.10
C TYR B 145 -17.02 10.24 -9.94
N GLN B 146 -16.63 9.19 -9.22
CA GLN B 146 -15.23 8.89 -9.01
C GLN B 146 -14.63 8.31 -10.29
N ASN B 147 -13.38 8.68 -10.59
CA ASN B 147 -12.69 8.12 -11.74
C ASN B 147 -12.12 6.76 -11.38
N ASN B 148 -12.45 5.75 -12.17
CA ASN B 148 -11.89 4.42 -11.99
C ASN B 148 -12.00 3.67 -13.32
N ILE B 149 -11.48 2.44 -13.35
CA ILE B 149 -11.47 1.69 -14.59
C ILE B 149 -12.88 1.47 -15.12
N TRP B 150 -13.84 1.25 -14.22
CA TRP B 150 -15.23 1.08 -14.65
C TRP B 150 -15.78 2.38 -15.24
N PHE B 151 -15.67 3.48 -14.48
CA PHE B 151 -16.23 4.75 -14.93
C PHE B 151 -15.51 5.27 -16.18
N ASP B 152 -14.19 5.12 -16.22
CA ASP B 152 -13.42 5.63 -17.36
C ASP B 152 -13.75 4.85 -18.62
N THR B 153 -13.80 3.52 -18.51
CA THR B 153 -14.00 2.67 -19.68
C THR B 153 -15.46 2.57 -20.07
N ILE B 154 -16.36 2.52 -19.08
CA ILE B 154 -17.77 2.27 -19.33
C ILE B 154 -18.64 3.51 -19.21
N GLY B 155 -18.22 4.50 -18.41
CA GLY B 155 -19.04 5.67 -18.19
C GLY B 155 -19.87 5.52 -16.93
N PRO B 156 -20.62 6.57 -16.57
CA PRO B 156 -21.44 6.49 -15.34
C PRO B 156 -22.51 5.42 -15.38
N GLU B 157 -22.88 4.94 -16.57
CA GLU B 157 -23.87 3.88 -16.70
C GLU B 157 -23.44 2.59 -16.00
N TYR B 158 -22.15 2.44 -15.68
CA TYR B 158 -21.70 1.20 -15.06
C TYR B 158 -22.39 0.94 -13.73
N VAL B 159 -22.80 1.99 -13.03
CA VAL B 159 -23.52 1.80 -11.77
C VAL B 159 -24.88 1.17 -12.02
N ALA B 160 -25.70 1.79 -12.88
CA ALA B 160 -27.00 1.21 -13.20
C ALA B 160 -26.85 -0.18 -13.81
N MET B 161 -25.80 -0.38 -14.61
CA MET B 161 -25.56 -1.68 -15.22
C MET B 161 -25.36 -2.75 -14.16
N ALA B 162 -24.52 -2.45 -13.16
CA ALA B 162 -24.23 -3.42 -12.11
C ALA B 162 -25.49 -3.81 -11.35
N PHE B 163 -26.37 -2.85 -11.07
CA PHE B 163 -27.61 -3.18 -10.38
C PHE B 163 -28.58 -3.92 -11.30
N GLU B 164 -28.58 -3.55 -12.58
CA GLU B 164 -29.43 -4.25 -13.54
C GLU B 164 -29.09 -5.74 -13.59
N TYR B 165 -27.80 -6.06 -13.64
CA TYR B 165 -27.41 -7.46 -13.76
C TYR B 165 -27.49 -8.19 -12.44
N ALA B 166 -27.30 -7.49 -11.31
CA ALA B 166 -27.62 -8.09 -10.03
C ALA B 166 -29.11 -8.42 -9.96
N GLU B 167 -29.96 -7.53 -10.45
CA GLU B 167 -31.40 -7.80 -10.48
C GLU B 167 -31.72 -8.99 -11.38
N LYS B 168 -30.99 -9.13 -12.49
CA LYS B 168 -31.19 -10.28 -13.38
C LYS B 168 -30.96 -11.59 -12.65
N ALA B 169 -29.91 -11.65 -11.85
CA ALA B 169 -29.62 -12.86 -11.09
C ALA B 169 -30.71 -13.12 -10.06
N VAL B 170 -31.19 -12.07 -9.37
CA VAL B 170 -32.22 -12.33 -8.37
C VAL B 170 -33.53 -12.76 -9.04
N LYS B 171 -33.82 -12.23 -10.24
CA LYS B 171 -35.03 -12.63 -10.95
C LYS B 171 -34.92 -14.06 -11.46
N ASP B 172 -33.77 -14.41 -12.06
CA ASP B 172 -33.61 -15.73 -12.66
C ASP B 172 -33.66 -16.83 -11.61
N HIS B 173 -33.06 -16.59 -10.44
CA HIS B 173 -32.97 -17.61 -9.40
C HIS B 173 -33.93 -17.35 -8.26
N LYS B 174 -34.88 -16.43 -8.44
CA LYS B 174 -35.90 -16.10 -7.46
C LYS B 174 -35.30 -15.94 -6.06
N LEU B 175 -34.38 -14.98 -5.97
CA LEU B 175 -33.68 -14.73 -4.72
C LEU B 175 -34.37 -13.63 -3.92
N ASN B 176 -34.04 -13.57 -2.64
CA ASN B 176 -34.51 -12.52 -1.75
C ASN B 176 -33.43 -11.48 -1.48
N VAL B 177 -32.22 -11.66 -2.02
CA VAL B 177 -31.10 -10.79 -1.67
C VAL B 177 -31.43 -9.33 -1.99
N LYS B 178 -31.07 -8.43 -1.07
CA LYS B 178 -31.26 -7.00 -1.23
C LYS B 178 -30.07 -6.39 -1.94
N LEU B 179 -30.32 -5.38 -2.76
CA LEU B 179 -29.27 -4.75 -3.54
C LEU B 179 -28.96 -3.38 -2.95
N TYR B 180 -27.73 -3.20 -2.49
CA TYR B 180 -27.31 -2.00 -1.78
C TYR B 180 -26.23 -1.25 -2.55
N TYR B 181 -26.33 0.09 -2.52
CA TYR B 181 -25.21 0.98 -2.81
C TYR B 181 -24.55 1.38 -1.49
N ASN B 182 -23.20 1.34 -1.44
CA ASN B 182 -22.48 1.56 -0.18
C ASN B 182 -21.38 2.61 -0.36
N ASP B 183 -21.35 3.62 0.51
CA ASP B 183 -20.33 4.67 0.37
C ASP B 183 -20.08 5.36 1.71
N TYR B 184 -18.99 6.12 1.76
CA TYR B 184 -18.62 6.93 2.91
C TYR B 184 -18.77 8.42 2.58
N ASN B 185 -18.73 9.25 3.63
CA ASN B 185 -18.94 10.70 3.54
C ASN B 185 -20.32 11.05 2.97
N ILE B 186 -21.27 10.11 3.05
CA ILE B 186 -22.66 10.35 2.73
C ILE B 186 -23.55 10.22 3.97
N GLU B 187 -22.95 10.31 5.17
CA GLU B 187 -23.68 10.17 6.43
C GLU B 187 -24.21 11.49 6.96
N TYR B 188 -23.98 12.59 6.24
CA TYR B 188 -24.41 13.93 6.61
C TYR B 188 -24.85 14.63 5.34
N PRO B 189 -25.74 15.62 5.44
CA PRO B 189 -26.18 16.34 4.24
C PRO B 189 -25.00 17.06 3.58
N GLY B 190 -24.98 17.02 2.25
CA GLY B 190 -23.94 17.63 1.48
C GLY B 190 -23.95 17.12 0.05
N PRO B 191 -23.06 17.63 -0.78
CA PRO B 191 -23.04 17.24 -2.20
C PRO B 191 -22.90 15.74 -2.42
N LYS B 192 -22.10 15.05 -1.61
CA LYS B 192 -21.90 13.63 -1.87
C LYS B 192 -23.13 12.82 -1.49
N SER B 193 -23.74 13.11 -0.35
CA SER B 193 -24.98 12.43 0.02
C SER B 193 -26.07 12.71 -1.00
N THR B 194 -26.18 13.97 -1.44
CA THR B 194 -27.15 14.30 -2.47
C THR B 194 -26.89 13.50 -3.74
N ALA B 195 -25.61 13.34 -4.12
CA ALA B 195 -25.28 12.57 -5.31
C ALA B 195 -25.68 11.10 -5.17
N ALA B 196 -25.51 10.54 -3.97
CA ALA B 196 -25.96 9.17 -3.73
C ALA B 196 -27.47 9.07 -3.82
N GLN B 197 -28.20 10.04 -3.26
CA GLN B 197 -29.65 10.04 -3.39
C GLN B 197 -30.06 10.13 -4.84
N ASN B 198 -29.31 10.90 -5.65
CA ASN B 198 -29.66 11.02 -7.06
C ASN B 198 -29.46 9.70 -7.79
N ILE B 199 -28.43 8.93 -7.41
CA ILE B 199 -28.29 7.58 -7.97
C ILE B 199 -29.54 6.77 -7.69
N VAL B 200 -29.97 6.75 -6.43
CA VAL B 200 -31.19 6.01 -6.06
C VAL B 200 -32.36 6.48 -6.92
N LYS B 201 -32.54 7.80 -7.03
CA LYS B 201 -33.65 8.35 -7.82
C LYS B 201 -33.57 7.90 -9.27
N GLU B 202 -32.36 7.90 -9.84
CA GLU B 202 -32.18 7.50 -11.24
C GLU B 202 -32.55 6.04 -11.44
N LEU B 203 -32.03 5.17 -10.57
CA LEU B 203 -32.34 3.74 -10.66
C LEU B 203 -33.84 3.49 -10.52
N LYS B 204 -34.46 4.09 -9.49
CA LYS B 204 -35.88 3.93 -9.30
C LYS B 204 -36.66 4.39 -10.53
N ALA B 205 -36.24 5.51 -11.13
CA ALA B 205 -36.96 6.06 -12.28
C ALA B 205 -36.87 5.14 -13.47
N ARG B 206 -35.78 4.39 -13.60
CA ARG B 206 -35.60 3.45 -14.69
C ARG B 206 -36.05 2.03 -14.33
N ASN B 207 -36.78 1.88 -13.23
CA ASN B 207 -37.32 0.58 -12.81
C ASN B 207 -36.21 -0.45 -12.61
N ILE B 208 -35.07 0.00 -12.12
CA ILE B 208 -33.97 -0.89 -11.73
C ILE B 208 -34.04 -1.09 -10.23
N GLN B 209 -33.86 -2.32 -9.79
CA GLN B 209 -33.99 -2.64 -8.38
C GLN B 209 -32.84 -2.04 -7.57
N ILE B 210 -33.20 -1.28 -6.54
CA ILE B 210 -32.21 -0.89 -5.54
C ILE B 210 -32.93 -0.82 -4.20
N ASP B 211 -32.44 -1.56 -3.22
CA ASP B 211 -33.17 -1.75 -1.98
C ASP B 211 -32.64 -0.93 -0.81
N GLY B 212 -31.38 -0.51 -0.86
CA GLY B 212 -30.87 0.22 0.29
C GLY B 212 -29.60 0.96 -0.05
N VAL B 213 -29.24 1.86 0.86
CA VAL B 213 -27.96 2.56 0.83
C VAL B 213 -27.23 2.25 2.12
N GLY B 214 -25.96 1.88 2.00
CA GLY B 214 -25.11 1.63 3.15
C GLY B 214 -24.33 2.89 3.48
N LEU B 215 -24.39 3.30 4.74
CA LEU B 215 -23.71 4.49 5.24
C LEU B 215 -22.50 4.02 6.06
N GLU B 216 -21.31 4.11 5.46
CA GLU B 216 -20.14 3.43 6.04
C GLU B 216 -19.87 3.88 7.47
N SER B 217 -19.88 5.20 7.72
CA SER B 217 -19.77 5.74 9.08
C SER B 217 -18.40 5.45 9.69
N HIS B 218 -17.33 5.61 8.89
CA HIS B 218 -15.98 5.68 9.45
C HIS B 218 -15.75 7.10 9.92
N PHE B 219 -15.78 7.29 11.23
CA PHE B 219 -15.78 8.62 11.81
C PHE B 219 -14.53 8.84 12.68
N ILE B 220 -14.26 10.11 12.94
CA ILE B 220 -13.22 10.55 13.87
C ILE B 220 -13.91 11.14 15.08
N ALA B 221 -13.45 10.78 16.28
CA ALA B 221 -14.04 11.30 17.51
C ALA B 221 -14.09 12.83 17.48
N GLY B 222 -15.29 13.38 17.69
CA GLY B 222 -15.49 14.82 17.66
C GLY B 222 -15.86 15.37 16.29
N GLU B 223 -15.58 14.64 15.22
CA GLU B 223 -15.95 15.05 13.88
C GLU B 223 -17.22 14.36 13.39
N THR B 224 -17.61 13.27 14.05
CA THR B 224 -18.84 12.56 13.71
C THR B 224 -20.00 13.54 13.61
N PRO B 225 -20.86 13.44 12.59
CA PRO B 225 -22.05 14.29 12.57
C PRO B 225 -22.94 14.00 13.77
N SER B 226 -23.59 15.05 14.27
CA SER B 226 -24.49 14.88 15.42
C SER B 226 -25.57 13.84 15.13
N GLN B 227 -26.16 13.30 16.19
CA GLN B 227 -27.28 12.39 16.03
C GLN B 227 -28.36 13.01 15.16
N ALA B 228 -28.71 14.29 15.43
CA ALA B 228 -29.75 14.97 14.66
C ALA B 228 -29.36 15.11 13.19
N THR B 229 -28.08 15.34 12.92
CA THR B 229 -27.62 15.44 11.52
C THR B 229 -27.79 14.11 10.81
N GLN B 230 -27.46 13.01 11.49
CA GLN B 230 -27.63 11.69 10.89
C GLN B 230 -29.11 11.36 10.70
N ILE B 231 -29.95 11.75 11.67
CA ILE B 231 -31.38 11.47 11.55
C ILE B 231 -31.96 12.09 10.27
N THR B 232 -31.69 13.39 10.01
CA THR B 232 -32.20 13.99 8.76
C THR B 232 -31.62 13.33 7.53
N ASN B 233 -30.31 13.06 7.54
CA ASN B 233 -29.66 12.46 6.39
C ASN B 233 -30.29 11.10 6.08
N MET B 234 -30.46 10.28 7.11
CA MET B 234 -31.11 8.99 6.90
C MET B 234 -32.52 9.16 6.33
N ALA B 235 -33.27 10.14 6.83
CA ALA B 235 -34.62 10.38 6.32
C ALA B 235 -34.60 10.77 4.84
N ASP B 236 -33.59 11.54 4.41
CA ASP B 236 -33.54 11.88 2.99
C ASP B 236 -33.43 10.62 2.13
N PHE B 237 -32.68 9.63 2.61
CA PHE B 237 -32.56 8.38 1.87
C PHE B 237 -33.84 7.56 1.95
N THR B 238 -34.37 7.34 3.16
CA THR B 238 -35.52 6.45 3.26
C THR B 238 -36.75 7.02 2.58
N SER B 239 -36.83 8.34 2.41
CA SER B 239 -37.95 8.93 1.68
C SER B 239 -37.99 8.47 0.22
N LEU B 240 -36.90 7.93 -0.31
CA LEU B 240 -36.86 7.43 -1.68
C LEU B 240 -37.36 5.99 -1.78
N ASP B 241 -37.99 5.46 -0.73
CA ASP B 241 -38.51 4.09 -0.67
C ASP B 241 -37.38 3.07 -0.76
N ILE B 242 -36.39 3.24 0.13
CA ILE B 242 -35.32 2.28 0.35
C ILE B 242 -35.07 2.18 1.85
N ASP B 243 -34.34 1.15 2.24
CA ASP B 243 -33.78 1.06 3.57
C ASP B 243 -32.41 1.72 3.63
N VAL B 244 -31.93 1.95 4.84
CA VAL B 244 -30.55 2.32 5.02
C VAL B 244 -29.96 1.37 6.06
N ALA B 245 -28.63 1.25 6.07
CA ALA B 245 -27.91 0.53 7.11
C ALA B 245 -26.63 1.27 7.45
N VAL B 246 -26.24 1.27 8.72
CA VAL B 246 -24.94 1.78 9.12
C VAL B 246 -23.98 0.61 8.96
N THR B 247 -23.03 0.72 8.01
CA THR B 247 -22.41 -0.51 7.52
C THR B 247 -20.99 -0.75 8.00
N GLU B 248 -20.23 0.28 8.40
CA GLU B 248 -18.81 0.13 8.70
C GLU B 248 -18.39 1.03 9.85
N LEU B 249 -19.24 1.15 10.86
CA LEU B 249 -19.05 2.12 11.91
C LEU B 249 -17.77 1.86 12.72
N ASP B 250 -16.95 2.90 12.86
CA ASP B 250 -15.93 2.94 13.89
C ASP B 250 -15.64 4.41 14.14
N VAL B 251 -15.03 4.70 15.30
CA VAL B 251 -14.82 6.08 15.73
C VAL B 251 -13.38 6.17 16.20
N ARG B 252 -12.50 6.63 15.32
CA ARG B 252 -11.08 6.60 15.63
C ARG B 252 -10.64 7.88 16.35
N LEU B 253 -9.53 7.75 17.07
CA LEU B 253 -8.97 8.80 17.90
C LEU B 253 -7.51 9.05 17.52
N TYR B 254 -7.05 10.26 17.82
CA TYR B 254 -5.61 10.53 17.78
C TYR B 254 -5.00 9.96 19.05
N LEU B 255 -4.00 9.13 18.89
CA LEU B 255 -3.39 8.43 20.02
C LEU B 255 -2.43 9.35 20.78
N PRO B 256 -2.33 9.18 22.11
CA PRO B 256 -3.13 8.22 22.90
C PRO B 256 -4.50 8.76 23.28
N PRO B 257 -5.46 7.89 23.58
CA PRO B 257 -6.76 8.38 24.07
C PRO B 257 -6.55 9.15 25.36
N ASN B 258 -7.41 10.13 25.59
CA ASN B 258 -7.44 10.81 26.88
C ASN B 258 -8.89 10.90 27.34
N ALA B 259 -9.11 11.47 28.51
CA ALA B 259 -10.46 11.42 29.08
C ALA B 259 -11.46 12.14 28.18
N THR B 260 -11.03 13.25 27.56
CA THR B 260 -11.93 13.99 26.68
C THR B 260 -12.22 13.18 25.41
N SER B 261 -11.16 12.71 24.73
CA SER B 261 -11.39 12.04 23.46
C SER B 261 -12.15 10.72 23.64
N GLU B 262 -11.91 10.00 24.74
CA GLU B 262 -12.69 8.79 24.96
C GLU B 262 -14.16 9.11 25.21
N ALA B 263 -14.44 10.19 25.97
CA ALA B 263 -15.82 10.60 26.15
C ALA B 263 -16.46 11.00 24.83
N GLN B 264 -15.69 11.67 23.98
CA GLN B 264 -16.17 11.96 22.62
C GLN B 264 -16.50 10.68 21.88
N GLN B 265 -15.63 9.67 21.99
CA GLN B 265 -15.89 8.42 21.28
C GLN B 265 -17.21 7.79 21.73
N VAL B 266 -17.44 7.74 23.04
CA VAL B 266 -18.69 7.18 23.55
C VAL B 266 -19.87 7.94 22.98
N ALA B 267 -19.78 9.28 23.01
CA ALA B 267 -20.87 10.11 22.51
C ALA B 267 -21.13 9.88 21.01
N ASP B 268 -20.07 9.63 20.24
CA ASP B 268 -20.22 9.47 18.78
C ASP B 268 -20.76 8.09 18.42
N TYR B 269 -20.32 7.04 19.11
CA TYR B 269 -20.96 5.73 18.93
C TYR B 269 -22.42 5.81 19.31
N TYR B 270 -22.72 6.49 20.42
CA TYR B 270 -24.10 6.68 20.83
C TYR B 270 -24.89 7.40 19.74
N ALA B 271 -24.35 8.50 19.22
CA ALA B 271 -25.10 9.31 18.25
C ALA B 271 -25.48 8.48 17.04
N THR B 272 -24.55 7.66 16.56
CA THR B 272 -24.76 6.93 15.32
C THR B 272 -25.77 5.82 15.52
N VAL B 273 -25.60 5.05 16.60
CA VAL B 273 -26.56 3.98 16.89
C VAL B 273 -27.93 4.55 17.20
N ALA B 274 -27.99 5.68 17.93
CA ALA B 274 -29.27 6.28 18.25
C ALA B 274 -29.95 6.81 17.00
N ALA B 275 -29.18 7.35 16.06
CA ALA B 275 -29.80 7.80 14.80
C ALA B 275 -30.40 6.62 14.05
N CYS B 276 -29.69 5.50 14.01
CA CYS B 276 -30.29 4.33 13.38
C CYS B 276 -31.53 3.87 14.14
N ALA B 277 -31.45 3.84 15.47
CA ALA B 277 -32.59 3.42 16.29
C ALA B 277 -33.82 4.28 16.03
N ALA B 278 -33.61 5.58 15.79
CA ALA B 278 -34.69 6.53 15.54
C ALA B 278 -35.27 6.42 14.13
N THR B 279 -34.61 5.67 13.25
CA THR B 279 -34.97 5.61 11.84
C THR B 279 -35.63 4.26 11.55
N GLU B 280 -36.93 4.29 11.27
CA GLU B 280 -37.71 3.08 11.07
C GLU B 280 -37.07 2.15 10.03
N ARG B 281 -36.57 2.71 8.94
CA ARG B 281 -36.02 1.90 7.85
C ARG B 281 -34.50 1.79 7.88
N CYS B 282 -33.85 2.17 8.99
CA CYS B 282 -32.47 1.76 9.19
C CYS B 282 -32.50 0.34 9.77
N ILE B 283 -31.99 -0.63 9.00
CA ILE B 283 -32.20 -2.03 9.36
C ILE B 283 -31.14 -2.56 10.31
N GLY B 284 -30.06 -1.83 10.55
CA GLY B 284 -29.09 -2.34 11.49
C GLY B 284 -27.82 -1.54 11.50
N ILE B 285 -26.97 -1.88 12.46
CA ILE B 285 -25.66 -1.28 12.65
C ILE B 285 -24.63 -2.38 12.57
N THR B 286 -23.61 -2.18 11.74
CA THR B 286 -22.42 -3.01 11.67
C THR B 286 -21.21 -2.14 11.97
N VAL B 287 -20.37 -2.58 12.91
CA VAL B 287 -19.08 -1.93 13.16
C VAL B 287 -18.02 -2.58 12.26
N TRP B 288 -17.01 -1.81 11.87
CA TRP B 288 -15.99 -2.34 10.97
C TRP B 288 -14.89 -3.00 11.79
N ASP B 289 -15.25 -4.18 12.31
CA ASP B 289 -14.53 -4.97 13.32
C ASP B 289 -14.67 -4.33 14.70
N PHE B 290 -14.43 -5.13 15.73
CA PHE B 290 -14.78 -4.79 17.10
C PHE B 290 -13.59 -4.83 18.04
N ASP B 291 -12.40 -5.18 17.54
CA ASP B 291 -11.23 -5.35 18.39
C ASP B 291 -10.08 -4.53 17.81
N ASP B 292 -9.63 -3.52 18.57
CA ASP B 292 -8.54 -2.63 18.15
C ASP B 292 -7.34 -3.38 17.58
N THR B 293 -7.04 -4.56 18.12
CA THR B 293 -5.87 -5.33 17.67
C THR B 293 -5.87 -5.52 16.16
N TYR B 294 -7.06 -5.68 15.55
CA TYR B 294 -7.20 -6.06 14.16
C TYR B 294 -7.84 -4.95 13.33
N SER B 295 -8.04 -3.78 13.93
CA SER B 295 -8.66 -2.68 13.20
C SER B 295 -7.78 -2.24 12.03
N TRP B 296 -8.44 -1.84 10.95
CA TRP B 296 -7.77 -1.29 9.78
C TRP B 296 -7.07 0.04 10.07
N VAL B 297 -7.41 0.74 11.15
CA VAL B 297 -7.01 2.14 11.28
C VAL B 297 -5.50 2.33 11.35
N PRO B 298 -4.75 1.62 12.21
CA PRO B 298 -3.32 1.95 12.34
C PRO B 298 -2.49 1.72 11.09
N SER B 299 -2.89 0.80 10.21
CA SER B 299 -2.16 0.61 8.98
C SER B 299 -2.38 1.75 8.00
N THR B 300 -3.42 2.54 8.20
CA THR B 300 -3.87 3.54 7.23
C THR B 300 -3.62 4.96 7.68
N PHE B 301 -3.86 5.26 8.95
CA PHE B 301 -3.74 6.61 9.49
C PHE B 301 -2.68 6.61 10.57
N ALA B 302 -1.56 7.29 10.33
CA ALA B 302 -0.50 7.36 11.34
C ALA B 302 -1.00 8.06 12.60
N GLY B 303 -0.65 7.48 13.75
CA GLY B 303 -1.00 8.10 15.01
C GLY B 303 -2.46 8.07 15.36
N GLN B 304 -3.25 7.23 14.71
CA GLN B 304 -4.67 7.09 15.04
C GLN B 304 -4.98 5.63 15.34
N GLY B 305 -6.04 5.43 16.11
CA GLY B 305 -6.45 4.09 16.46
C GLY B 305 -7.54 4.11 17.52
N TYR B 306 -7.55 3.07 18.35
CA TYR B 306 -8.48 2.96 19.48
C TYR B 306 -9.94 3.03 19.02
N ALA B 307 -10.22 2.59 17.79
CA ALA B 307 -11.49 2.94 17.14
C ALA B 307 -12.65 2.02 17.49
N ASP B 308 -12.40 0.89 18.16
CA ASP B 308 -13.35 -0.21 18.22
C ASP B 308 -13.90 -0.38 19.64
N LEU B 309 -14.91 -1.26 19.76
CA LEU B 309 -15.61 -1.44 21.03
C LEU B 309 -14.82 -2.22 22.06
N PHE B 310 -13.86 -3.05 21.64
CA PHE B 310 -13.02 -3.83 22.54
C PHE B 310 -11.55 -3.63 22.17
N PHE B 311 -10.67 -3.93 23.13
CA PHE B 311 -9.24 -3.98 22.83
C PHE B 311 -8.60 -5.05 23.71
N GLN B 312 -7.32 -5.32 23.45
CA GLN B 312 -6.54 -6.31 24.17
C GLN B 312 -5.30 -5.64 24.73
N PRO B 313 -5.35 -5.14 25.97
CA PRO B 313 -4.17 -4.48 26.54
C PRO B 313 -2.91 -5.34 26.50
N ASP B 314 -3.04 -6.66 26.58
CA ASP B 314 -1.88 -7.55 26.57
C ASP B 314 -1.64 -8.21 25.21
N GLY B 315 -2.30 -7.73 24.15
CA GLY B 315 -2.00 -8.13 22.80
C GLY B 315 -2.83 -9.30 22.28
N PRO B 316 -2.54 -9.74 21.05
CA PRO B 316 -3.28 -10.87 20.49
C PRO B 316 -3.20 -12.10 21.39
N ASN B 317 -4.27 -12.90 21.35
CA ASN B 317 -4.40 -14.13 22.12
C ASN B 317 -4.55 -13.90 23.62
N THR B 318 -4.91 -12.70 24.05
CA THR B 318 -5.17 -12.41 25.45
C THR B 318 -6.57 -11.82 25.59
N PRO B 319 -7.13 -11.79 26.80
CA PRO B 319 -8.56 -11.45 26.94
C PRO B 319 -8.91 -10.06 26.43
N LEU B 320 -10.11 -9.94 25.87
CA LEU B 320 -10.63 -8.64 25.49
C LEU B 320 -11.04 -7.83 26.71
N VAL B 321 -10.92 -6.51 26.57
CA VAL B 321 -11.46 -5.56 27.54
C VAL B 321 -12.55 -4.76 26.83
N LYS B 322 -13.73 -4.75 27.42
CA LYS B 322 -14.87 -4.01 26.90
C LYS B 322 -14.72 -2.53 27.21
N LYS B 323 -14.80 -1.68 26.19
CA LYS B 323 -14.62 -0.25 26.35
C LYS B 323 -15.93 0.46 26.66
N ALA B 324 -15.81 1.67 27.21
CA ALA B 324 -16.97 2.51 27.49
C ALA B 324 -17.85 2.70 26.27
N ALA B 325 -17.24 2.71 25.06
CA ALA B 325 -18.01 2.87 23.82
C ALA B 325 -19.06 1.78 23.66
N TYR B 326 -18.78 0.57 24.13
CA TYR B 326 -19.78 -0.49 24.08
C TYR B 326 -21.05 -0.08 24.81
N ASP B 327 -20.91 0.47 26.02
CA ASP B 327 -22.09 0.88 26.78
C ASP B 327 -22.82 2.01 26.08
N GLY B 328 -22.10 2.87 25.35
CA GLY B 328 -22.77 3.88 24.54
C GLY B 328 -23.68 3.28 23.49
N CYS B 329 -23.19 2.25 22.79
CA CYS B 329 -24.04 1.55 21.82
C CYS B 329 -25.25 0.95 22.50
N LEU B 330 -25.04 0.29 23.64
CA LEU B 330 -26.15 -0.36 24.31
C LEU B 330 -27.20 0.65 24.77
N GLN B 331 -26.75 1.79 25.31
CA GLN B 331 -27.68 2.80 25.81
C GLN B 331 -28.51 3.40 24.68
N ALA B 332 -27.92 3.53 23.48
CA ALA B 332 -28.66 4.04 22.33
C ALA B 332 -29.75 3.09 21.89
N LEU B 333 -29.59 1.80 22.13
CA LEU B 333 -30.64 0.84 21.81
C LEU B 333 -31.58 0.70 23.01
#